data_1NG4
#
_entry.id   1NG4
#
_cell.length_a   139.456
_cell.length_b   139.456
_cell.length_c   210.278
_cell.angle_alpha   90.00
_cell.angle_beta   90.00
_cell.angle_gamma   120.00
#
_symmetry.space_group_name_H-M   'P 61 2 2'
#
loop_
_entity.id
_entity.type
_entity.pdbx_description
1 polymer 'Glycine oxidase'
2 non-polymer 'FLAVIN-ADENINE DINUCLEOTIDE'
3 non-polymer 'HYDROGEN PEROXIDE'
4 non-polymer 'PHOSPHATE ION'
5 water water
#
_entity_poly.entity_id   1
_entity_poly.type   'polypeptide(L)'
_entity_poly.pdbx_seq_one_letter_code
;MGHHHHHHHHHHSSGHIEGRHMKRHYEAVVIGGGIIGSAIAYYLAKENKNTALFESGTMGGRTTSAAAGMLGAHAECEER
DAFFDFAMHSQRLYKGLGEELYALSGVDIRQHNGGMFKLAFSEEDVLQLRQMDDLDSVSWYSKEEVLEKEPYASGDIFGA
SFIQDDVHVEPYFVCKAYVKAAKMLGAEIFEHTPVLHVERDGEALFIKTPSGDVWANHVVVASGVWSGMFFKQLGLNNAF
LPVKGECLSVWNDDIPLTKTLYHDHCYIVPRKSGRLVVGATMKPGDWSETPDLGGLESVMKKAKTMLPPIQNMKVDRFWA
GLRPGTKDGKPYIGRHPEDSRILFAAGHFRNGILLAPATGALISDLIMNKEVNQDWLHAFRIDRKEAVQI
;
_entity_poly.pdbx_strand_id   A,B
#
loop_
_chem_comp.id
_chem_comp.type
_chem_comp.name
_chem_comp.formula
FAD non-polymer 'FLAVIN-ADENINE DINUCLEOTIDE' 'C27 H33 N9 O15 P2'
PEO non-polymer 'HYDROGEN PEROXIDE' 'H2 O2'
PO4 non-polymer 'PHOSPHATE ION' 'O4 P -3'
#
# COMPACT_ATOMS: atom_id res chain seq x y z
N MET A 22 6.28 27.15 16.23
CA MET A 22 7.68 27.32 15.75
C MET A 22 8.51 28.07 16.79
N LYS A 23 9.51 27.41 17.35
CA LYS A 23 10.38 28.03 18.36
C LYS A 23 11.28 29.09 17.74
N ARG A 24 12.09 29.73 18.58
CA ARG A 24 12.99 30.76 18.11
C ARG A 24 14.41 30.23 17.87
N HIS A 25 14.72 29.09 18.48
CA HIS A 25 16.04 28.50 18.34
C HIS A 25 15.98 26.98 18.23
N TYR A 26 16.90 26.41 17.44
CA TYR A 26 17.00 24.98 17.23
C TYR A 26 18.46 24.65 17.05
N GLU A 27 18.90 23.52 17.57
CA GLU A 27 20.30 23.12 17.41
C GLU A 27 20.61 22.86 15.94
N ALA A 28 19.65 22.27 15.24
CA ALA A 28 19.82 21.97 13.82
C ALA A 28 18.54 22.19 13.01
N VAL A 29 18.71 22.84 11.86
CA VAL A 29 17.60 23.12 10.96
C VAL A 29 17.84 22.45 9.60
N VAL A 30 16.84 21.73 9.11
CA VAL A 30 16.93 21.05 7.82
C VAL A 30 16.03 21.78 6.82
N ILE A 31 16.57 22.13 5.66
CA ILE A 31 15.79 22.83 4.65
C ILE A 31 15.46 21.91 3.50
N GLY A 32 14.17 21.56 3.39
CA GLY A 32 13.71 20.67 2.35
C GLY A 32 13.21 19.39 2.99
N GLY A 33 11.99 18.99 2.62
CA GLY A 33 11.41 17.79 3.20
C GLY A 33 11.20 16.64 2.23
N GLY A 34 12.19 16.39 1.36
CA GLY A 34 12.07 15.27 0.45
C GLY A 34 12.63 14.09 1.23
N ILE A 35 12.91 12.97 0.57
CA ILE A 35 13.44 11.82 1.29
C ILE A 35 14.81 12.13 1.93
N ILE A 36 15.60 13.00 1.29
CA ILE A 36 16.91 13.33 1.83
C ILE A 36 16.78 14.13 3.13
N GLY A 37 16.04 15.23 3.07
CA GLY A 37 15.85 16.04 4.26
C GLY A 37 15.21 15.24 5.39
N SER A 38 14.24 14.39 5.04
CA SER A 38 13.55 13.56 6.03
C SER A 38 14.49 12.58 6.72
N ALA A 39 15.33 11.89 5.95
CA ALA A 39 16.28 10.95 6.52
C ALA A 39 17.21 11.70 7.46
N ILE A 40 17.69 12.87 7.01
CA ILE A 40 18.59 13.67 7.80
C ILE A 40 17.96 14.04 9.15
N ALA A 41 16.71 14.48 9.12
CA ALA A 41 16.00 14.86 10.35
C ALA A 41 15.86 13.67 11.29
N TYR A 42 15.63 12.49 10.71
CA TYR A 42 15.50 11.29 11.52
C TYR A 42 16.77 10.99 12.31
N TYR A 43 17.90 10.89 11.62
CA TYR A 43 19.17 10.59 12.28
C TYR A 43 19.59 11.67 13.27
N LEU A 44 19.27 12.94 12.98
CA LEU A 44 19.61 14.02 13.89
C LEU A 44 18.78 13.88 15.17
N ALA A 45 17.51 13.56 15.00
CA ALA A 45 16.60 13.39 16.15
C ALA A 45 17.04 12.16 16.96
N LYS A 46 17.51 11.15 16.26
CA LYS A 46 17.97 9.92 16.90
C LYS A 46 19.20 10.25 17.76
N GLU A 47 19.95 11.27 17.35
CA GLU A 47 21.15 11.70 18.08
C GLU A 47 20.73 12.66 19.20
N ASN A 48 19.42 12.77 19.39
CA ASN A 48 18.85 13.63 20.41
C ASN A 48 19.20 15.10 20.21
N LYS A 49 19.37 15.49 18.95
CA LYS A 49 19.69 16.86 18.62
C LYS A 49 18.37 17.59 18.39
N ASN A 50 18.20 18.74 19.06
CA ASN A 50 16.98 19.54 18.92
C ASN A 50 16.92 20.06 17.48
N THR A 51 16.13 19.41 16.64
CA THR A 51 16.07 19.82 15.24
C THR A 51 14.70 20.17 14.68
N ALA A 52 14.72 21.00 13.64
CA ALA A 52 13.52 21.43 12.94
C ALA A 52 13.74 21.25 11.44
N LEU A 53 12.67 20.95 10.72
CA LEU A 53 12.75 20.77 9.27
C LEU A 53 11.71 21.69 8.63
N PHE A 54 12.10 22.39 7.59
CA PHE A 54 11.21 23.31 6.88
C PHE A 54 11.00 22.84 5.43
N GLU A 55 9.75 22.57 5.08
CA GLU A 55 9.38 22.11 3.74
C GLU A 55 8.41 23.13 3.15
N SER A 56 8.70 23.63 1.95
CA SER A 56 7.82 24.64 1.36
C SER A 56 6.44 24.14 0.98
N GLY A 57 6.31 22.83 0.80
CA GLY A 57 5.02 22.24 0.46
C GLY A 57 4.71 21.14 1.46
N THR A 58 4.49 19.92 0.96
CA THR A 58 4.23 18.77 1.83
C THR A 58 5.43 17.83 1.79
N MET A 59 5.58 17.04 2.83
CA MET A 59 6.68 16.09 2.93
C MET A 59 6.70 15.11 1.76
N GLY A 60 7.87 14.97 1.13
CA GLY A 60 8.03 14.05 0.01
C GLY A 60 7.14 14.30 -1.21
N GLY A 61 6.66 15.54 -1.34
CA GLY A 61 5.76 15.87 -2.44
C GLY A 61 6.35 16.19 -3.81
N ARG A 62 7.68 16.30 -3.91
CA ARG A 62 8.26 16.61 -5.21
C ARG A 62 8.94 15.39 -5.85
N THR A 63 10.22 15.52 -6.19
CA THR A 63 10.93 14.45 -6.88
C THR A 63 10.84 13.09 -6.20
N THR A 64 10.88 13.09 -4.86
CA THR A 64 10.79 11.85 -4.10
C THR A 64 9.55 10.99 -4.41
N SER A 65 8.41 11.65 -4.63
CA SER A 65 7.15 10.97 -4.94
C SER A 65 7.09 10.41 -6.37
N ALA A 66 8.00 10.85 -7.22
CA ALA A 66 8.03 10.40 -8.61
C ALA A 66 8.95 9.20 -8.83
N ALA A 67 9.90 8.98 -7.92
CA ALA A 67 10.88 7.90 -8.05
C ALA A 67 10.31 6.48 -8.06
N ALA A 68 10.98 5.59 -8.79
CA ALA A 68 10.51 4.21 -8.84
C ALA A 68 10.79 3.55 -7.50
N GLY A 69 11.92 3.92 -6.88
CA GLY A 69 12.27 3.34 -5.59
C GLY A 69 13.24 2.17 -5.64
N MET A 70 13.91 1.97 -6.78
CA MET A 70 14.88 0.88 -6.87
C MET A 70 16.13 1.24 -6.08
N LEU A 71 16.65 0.28 -5.33
CA LEU A 71 17.87 0.51 -4.59
C LEU A 71 18.96 0.07 -5.57
N GLY A 72 19.15 0.86 -6.63
CA GLY A 72 20.08 0.52 -7.68
C GLY A 72 21.57 0.73 -7.51
N ALA A 73 22.17 0.01 -6.57
CA ALA A 73 23.61 0.16 -6.31
C ALA A 73 24.44 -0.36 -7.48
N HIS A 74 23.95 -1.38 -8.17
CA HIS A 74 24.69 -1.97 -9.28
C HIS A 74 24.54 -1.23 -10.61
N ALA A 75 24.12 0.02 -10.53
CA ALA A 75 23.98 0.86 -11.71
C ALA A 75 25.19 1.78 -11.70
N GLU A 76 25.93 1.76 -10.59
CA GLU A 76 27.11 2.60 -10.41
C GLU A 76 28.38 1.79 -10.21
N CYS A 77 28.42 0.57 -10.75
CA CYS A 77 29.59 -0.29 -10.57
C CYS A 77 30.46 -0.40 -11.83
N GLU A 78 30.19 0.45 -12.82
CA GLU A 78 30.98 0.45 -14.04
C GLU A 78 32.42 0.70 -13.63
N GLU A 79 32.57 1.47 -12.56
CA GLU A 79 33.87 1.79 -11.99
C GLU A 79 33.73 1.64 -10.48
N ARG A 80 34.33 0.59 -9.94
CA ARG A 80 34.24 0.33 -8.51
C ARG A 80 35.03 1.34 -7.68
N ASP A 81 34.63 2.60 -7.73
CA ASP A 81 35.29 3.66 -6.99
C ASP A 81 34.56 3.96 -5.67
N ALA A 82 34.81 5.13 -5.12
CA ALA A 82 34.18 5.53 -3.86
C ALA A 82 32.65 5.57 -3.98
N PHE A 83 32.16 6.11 -5.08
CA PHE A 83 30.71 6.20 -5.31
C PHE A 83 30.02 4.86 -5.20
N PHE A 84 30.59 3.84 -5.82
CA PHE A 84 30.02 2.49 -5.78
C PHE A 84 30.01 1.94 -4.36
N ASP A 85 31.07 2.23 -3.60
CA ASP A 85 31.18 1.78 -2.21
C ASP A 85 30.09 2.43 -1.36
N PHE A 86 29.92 3.73 -1.54
CA PHE A 86 28.92 4.49 -0.79
C PHE A 86 27.55 3.90 -1.12
N ALA A 87 27.32 3.64 -2.40
CA ALA A 87 26.05 3.08 -2.87
C ALA A 87 25.78 1.73 -2.21
N MET A 88 26.79 0.86 -2.19
CA MET A 88 26.66 -0.46 -1.58
C MET A 88 26.43 -0.32 -0.08
N HIS A 89 27.12 0.65 0.53
CA HIS A 89 27.00 0.92 1.96
C HIS A 89 25.56 1.31 2.30
N SER A 90 24.99 2.22 1.51
CA SER A 90 23.63 2.69 1.74
C SER A 90 22.65 1.54 1.57
N GLN A 91 22.89 0.70 0.56
CA GLN A 91 22.02 -0.44 0.30
C GLN A 91 21.97 -1.39 1.50
N ARG A 92 23.08 -1.50 2.23
CA ARG A 92 23.12 -2.37 3.41
C ARG A 92 22.35 -1.69 4.54
N LEU A 93 22.49 -0.38 4.64
CA LEU A 93 21.79 0.38 5.68
C LEU A 93 20.28 0.14 5.58
N TYR A 94 19.81 -0.26 4.41
CA TYR A 94 18.39 -0.54 4.21
C TYR A 94 17.98 -1.85 4.87
N LYS A 95 18.96 -2.69 5.19
CA LYS A 95 18.67 -3.95 5.86
C LYS A 95 18.08 -3.59 7.20
N GLY A 96 16.85 -4.02 7.45
CA GLY A 96 16.21 -3.71 8.72
C GLY A 96 15.71 -2.29 8.90
N LEU A 97 15.94 -1.41 7.93
CA LEU A 97 15.48 -0.02 8.06
C LEU A 97 13.95 0.02 8.15
N GLY A 98 13.29 -0.78 7.30
CA GLY A 98 11.85 -0.82 7.31
C GLY A 98 11.26 -1.15 8.66
N GLU A 99 11.76 -2.22 9.29
CA GLU A 99 11.29 -2.65 10.60
C GLU A 99 11.48 -1.52 11.61
N GLU A 100 12.70 -0.99 11.67
CA GLU A 100 13.04 0.10 12.57
C GLU A 100 12.09 1.30 12.42
N LEU A 101 11.87 1.76 11.20
CA LEU A 101 10.99 2.89 10.98
C LEU A 101 9.54 2.55 11.27
N TYR A 102 9.13 1.33 10.97
CA TYR A 102 7.75 0.94 11.22
C TYR A 102 7.42 1.00 12.72
N ALA A 103 8.33 0.47 13.54
CA ALA A 103 8.15 0.46 14.98
C ALA A 103 7.86 1.85 15.53
N LEU A 104 8.46 2.87 14.93
CA LEU A 104 8.27 4.24 15.40
C LEU A 104 7.23 5.06 14.65
N SER A 105 6.90 4.65 13.42
CA SER A 105 5.95 5.42 12.63
C SER A 105 4.65 4.72 12.29
N GLY A 106 4.68 3.40 12.22
CA GLY A 106 3.48 2.67 11.86
C GLY A 106 3.27 2.81 10.36
N VAL A 107 4.32 3.21 9.66
CA VAL A 107 4.25 3.36 8.21
C VAL A 107 5.11 2.30 7.54
N ASP A 108 4.49 1.52 6.66
CA ASP A 108 5.18 0.46 5.93
C ASP A 108 5.89 1.02 4.69
N ILE A 109 7.21 0.84 4.61
CA ILE A 109 7.94 1.36 3.45
C ILE A 109 7.71 0.52 2.18
N ARG A 110 6.99 -0.59 2.33
CA ARG A 110 6.66 -1.46 1.21
C ARG A 110 7.87 -1.94 0.40
N GLN A 111 8.71 -2.74 1.05
CA GLN A 111 9.91 -3.27 0.41
C GLN A 111 9.59 -4.58 -0.32
N HIS A 112 10.07 -4.68 -1.56
CA HIS A 112 9.85 -5.86 -2.39
C HIS A 112 11.23 -6.47 -2.69
N ASN A 113 11.45 -7.71 -2.25
CA ASN A 113 12.74 -8.35 -2.44
C ASN A 113 12.92 -9.28 -3.65
N GLY A 114 12.14 -9.06 -4.69
CA GLY A 114 12.26 -9.90 -5.87
C GLY A 114 13.61 -9.83 -6.58
N GLY A 115 14.30 -8.71 -6.45
CA GLY A 115 15.58 -8.59 -7.13
C GLY A 115 15.41 -7.97 -8.51
N MET A 116 16.49 -7.89 -9.28
CA MET A 116 16.44 -7.26 -10.59
C MET A 116 17.13 -7.96 -11.76
N PHE A 117 16.47 -7.95 -12.92
CA PHE A 117 17.03 -8.53 -14.14
C PHE A 117 17.44 -7.38 -15.05
N LYS A 118 18.74 -7.17 -15.22
CA LYS A 118 19.20 -6.12 -16.12
C LYS A 118 19.37 -6.82 -17.47
N LEU A 119 18.37 -6.63 -18.33
CA LEU A 119 18.33 -7.26 -19.65
C LEU A 119 19.39 -6.82 -20.66
N ALA A 120 19.64 -7.69 -21.62
CA ALA A 120 20.60 -7.44 -22.69
C ALA A 120 19.87 -7.67 -24.01
N PHE A 121 19.96 -6.73 -24.93
CA PHE A 121 19.32 -6.88 -26.22
C PHE A 121 20.36 -6.92 -27.35
N SER A 122 21.63 -7.07 -26.98
CA SER A 122 22.70 -7.12 -27.96
C SER A 122 23.96 -7.74 -27.37
N GLU A 123 24.98 -7.95 -28.21
CA GLU A 123 26.24 -8.52 -27.74
C GLU A 123 26.95 -7.48 -26.88
N GLU A 124 26.85 -6.22 -27.26
CA GLU A 124 27.48 -5.15 -26.50
C GLU A 124 26.90 -5.13 -25.10
N ASP A 125 25.59 -5.28 -25.01
CA ASP A 125 24.91 -5.30 -23.71
C ASP A 125 25.50 -6.42 -22.87
N VAL A 126 25.63 -7.61 -23.48
CA VAL A 126 26.18 -8.77 -22.81
C VAL A 126 27.59 -8.50 -22.27
N LEU A 127 28.47 -8.02 -23.14
CA LEU A 127 29.85 -7.72 -22.74
C LEU A 127 29.89 -6.77 -21.55
N GLN A 128 29.08 -5.71 -21.62
CA GLN A 128 29.05 -4.73 -20.55
C GLN A 128 28.47 -5.30 -19.25
N LEU A 129 27.39 -6.07 -19.35
CA LEU A 129 26.77 -6.64 -18.16
C LEU A 129 27.59 -7.78 -17.55
N ARG A 130 28.37 -8.48 -18.37
CA ARG A 130 29.19 -9.59 -17.87
C ARG A 130 30.35 -9.04 -17.04
N GLN A 131 30.65 -7.76 -17.21
CA GLN A 131 31.74 -7.13 -16.47
C GLN A 131 31.55 -7.16 -14.96
N MET A 132 30.34 -7.41 -14.49
CA MET A 132 30.11 -7.46 -13.05
C MET A 132 29.85 -8.88 -12.54
N ASP A 133 30.22 -9.87 -13.35
CA ASP A 133 30.05 -11.27 -12.97
C ASP A 133 30.86 -11.60 -11.72
N ASP A 134 31.96 -10.90 -11.53
CA ASP A 134 32.84 -11.11 -10.39
C ASP A 134 32.29 -10.56 -9.07
N LEU A 135 31.18 -9.81 -9.15
CA LEU A 135 30.57 -9.27 -7.95
C LEU A 135 29.67 -10.31 -7.31
N ASP A 136 29.54 -10.23 -5.98
CA ASP A 136 28.71 -11.16 -5.22
C ASP A 136 27.23 -10.81 -5.35
N SER A 137 26.37 -11.80 -5.18
CA SER A 137 24.94 -11.61 -5.29
C SER A 137 24.60 -11.01 -6.66
N VAL A 138 25.45 -11.32 -7.64
CA VAL A 138 25.29 -10.87 -9.00
C VAL A 138 25.75 -11.99 -9.91
N SER A 139 24.87 -12.48 -10.77
CA SER A 139 25.22 -13.56 -11.67
C SER A 139 24.51 -13.46 -13.01
N TRP A 140 25.18 -13.93 -14.05
CA TRP A 140 24.63 -13.90 -15.40
C TRP A 140 23.66 -15.03 -15.69
N TYR A 141 22.57 -14.69 -16.36
CA TYR A 141 21.55 -15.65 -16.74
C TYR A 141 21.46 -15.66 -18.25
N SER A 142 21.32 -16.85 -18.82
CA SER A 142 21.20 -17.01 -20.26
C SER A 142 19.78 -16.65 -20.65
N LYS A 143 19.57 -16.46 -21.95
CA LYS A 143 18.27 -16.11 -22.50
C LYS A 143 17.20 -17.07 -21.95
N GLU A 144 17.41 -18.37 -22.09
CA GLU A 144 16.45 -19.36 -21.61
C GLU A 144 16.36 -19.49 -20.08
N GLU A 145 17.39 -19.05 -19.37
CA GLU A 145 17.36 -19.13 -17.90
C GLU A 145 16.52 -17.98 -17.36
N VAL A 146 16.54 -16.85 -18.08
CA VAL A 146 15.76 -15.69 -17.71
C VAL A 146 14.28 -16.00 -17.93
N LEU A 147 13.96 -16.46 -19.14
CA LEU A 147 12.59 -16.80 -19.49
C LEU A 147 12.04 -17.89 -18.58
N GLU A 148 12.94 -18.66 -17.97
CA GLU A 148 12.51 -19.71 -17.06
C GLU A 148 11.91 -19.06 -15.82
N LYS A 149 12.51 -17.95 -15.39
CA LYS A 149 12.05 -17.22 -14.21
C LYS A 149 10.94 -16.23 -14.56
N GLU A 150 11.14 -15.48 -15.65
CA GLU A 150 10.16 -14.50 -16.09
C GLU A 150 9.83 -14.80 -17.55
N PRO A 151 8.90 -15.73 -17.77
CA PRO A 151 8.43 -16.20 -19.08
C PRO A 151 7.93 -15.13 -20.03
N TYR A 152 7.37 -14.06 -19.50
CA TYR A 152 6.83 -13.01 -20.36
C TYR A 152 7.79 -11.90 -20.73
N ALA A 153 9.05 -12.04 -20.33
CA ALA A 153 10.05 -11.04 -20.68
C ALA A 153 10.26 -11.15 -22.18
N SER A 154 10.69 -10.07 -22.82
CA SER A 154 10.90 -10.07 -24.26
C SER A 154 11.74 -11.24 -24.77
N GLY A 155 11.23 -11.91 -25.81
CA GLY A 155 11.95 -13.02 -26.41
C GLY A 155 13.16 -12.55 -27.20
N ASP A 156 13.35 -11.24 -27.28
CA ASP A 156 14.46 -10.64 -28.02
C ASP A 156 15.71 -10.41 -27.16
N ILE A 157 15.67 -10.79 -25.89
CA ILE A 157 16.83 -10.58 -25.03
C ILE A 157 17.93 -11.60 -25.33
N PHE A 158 19.15 -11.25 -24.96
CA PHE A 158 20.31 -12.13 -25.13
C PHE A 158 20.62 -12.77 -23.79
N GLY A 159 19.83 -12.39 -22.78
CA GLY A 159 20.02 -12.90 -21.44
C GLY A 159 19.95 -11.73 -20.48
N ALA A 160 20.45 -11.90 -19.26
CA ALA A 160 20.41 -10.80 -18.29
C ALA A 160 21.24 -11.07 -17.04
N SER A 161 21.66 -9.98 -16.41
CA SER A 161 22.43 -10.07 -15.18
C SER A 161 21.44 -9.99 -14.01
N PHE A 162 21.43 -11.00 -13.16
CA PHE A 162 20.53 -11.00 -12.02
C PHE A 162 21.18 -10.39 -10.80
N ILE A 163 20.60 -9.28 -10.34
CA ILE A 163 21.11 -8.57 -9.16
C ILE A 163 20.11 -8.75 -8.02
N GLN A 164 20.41 -9.70 -7.14
CA GLN A 164 19.53 -10.02 -6.02
C GLN A 164 19.24 -8.88 -5.04
N ASP A 165 20.24 -8.03 -4.79
CA ASP A 165 20.10 -6.94 -3.83
C ASP A 165 19.49 -5.62 -4.32
N ASP A 166 19.43 -5.42 -5.62
CA ASP A 166 18.85 -4.18 -6.13
C ASP A 166 17.33 -4.34 -6.14
N VAL A 167 16.77 -4.33 -4.93
CA VAL A 167 15.35 -4.48 -4.72
C VAL A 167 14.69 -3.10 -4.82
N HIS A 168 13.45 -2.97 -4.35
CA HIS A 168 12.80 -1.68 -4.40
C HIS A 168 11.82 -1.43 -3.25
N VAL A 169 11.56 -0.14 -3.02
CA VAL A 169 10.65 0.31 -1.97
C VAL A 169 9.79 1.41 -2.60
N GLU A 170 8.78 1.87 -1.87
CA GLU A 170 7.93 2.96 -2.36
C GLU A 170 8.43 4.19 -1.62
N PRO A 171 9.20 5.03 -2.33
CA PRO A 171 9.85 6.27 -1.89
C PRO A 171 9.04 7.22 -1.03
N TYR A 172 7.81 7.48 -1.45
CA TYR A 172 6.95 8.38 -0.69
C TYR A 172 6.81 7.87 0.74
N PHE A 173 6.58 6.57 0.87
CA PHE A 173 6.42 5.99 2.20
C PHE A 173 7.71 5.87 3.00
N VAL A 174 8.85 5.77 2.32
CA VAL A 174 10.12 5.71 3.04
C VAL A 174 10.28 7.10 3.66
N CYS A 175 9.91 8.12 2.87
CA CYS A 175 9.98 9.51 3.32
C CYS A 175 9.01 9.77 4.48
N LYS A 176 7.76 9.34 4.35
CA LYS A 176 6.78 9.56 5.42
C LYS A 176 7.18 8.80 6.69
N ALA A 177 7.77 7.62 6.52
CA ALA A 177 8.21 6.81 7.65
C ALA A 177 9.30 7.56 8.40
N TYR A 178 10.29 8.08 7.66
CA TYR A 178 11.39 8.82 8.28
C TYR A 178 10.89 10.05 9.03
N VAL A 179 9.98 10.80 8.40
CA VAL A 179 9.44 12.02 9.00
C VAL A 179 8.65 11.75 10.28
N LYS A 180 7.75 10.78 10.20
CA LYS A 180 6.91 10.42 11.34
C LYS A 180 7.79 9.91 12.46
N ALA A 181 8.74 9.04 12.13
CA ALA A 181 9.65 8.52 13.15
C ALA A 181 10.38 9.68 13.80
N ALA A 182 10.90 10.60 12.98
CA ALA A 182 11.61 11.74 13.51
C ALA A 182 10.73 12.55 14.46
N LYS A 183 9.45 12.70 14.12
CA LYS A 183 8.52 13.45 14.95
C LYS A 183 8.37 12.78 16.30
N MET A 184 8.17 11.47 16.27
CA MET A 184 8.00 10.70 17.49
C MET A 184 9.25 10.79 18.35
N LEU A 185 10.37 11.20 17.75
CA LEU A 185 11.61 11.34 18.49
C LEU A 185 11.88 12.78 18.92
N GLY A 186 10.96 13.68 18.59
CA GLY A 186 11.13 15.07 18.99
C GLY A 186 11.41 16.11 17.92
N ALA A 187 11.59 15.70 16.67
CA ALA A 187 11.86 16.65 15.61
C ALA A 187 10.60 17.46 15.30
N GLU A 188 10.78 18.75 15.04
CA GLU A 188 9.66 19.62 14.72
C GLU A 188 9.62 19.89 13.21
N ILE A 189 8.59 19.36 12.57
CA ILE A 189 8.44 19.48 11.13
C ILE A 189 7.42 20.55 10.75
N PHE A 190 7.84 21.43 9.85
CA PHE A 190 6.99 22.52 9.39
C PHE A 190 6.77 22.48 7.89
N GLU A 191 5.59 22.02 7.49
CA GLU A 191 5.25 21.99 6.08
C GLU A 191 4.74 23.37 5.69
N HIS A 192 4.61 23.60 4.39
CA HIS A 192 4.12 24.89 3.90
C HIS A 192 4.90 26.05 4.51
N THR A 193 6.18 25.82 4.76
CA THR A 193 7.04 26.84 5.34
C THR A 193 8.34 26.94 4.53
N PRO A 194 8.29 27.67 3.41
CA PRO A 194 9.45 27.84 2.54
C PRO A 194 10.53 28.66 3.23
N VAL A 195 11.79 28.24 3.12
CA VAL A 195 12.88 29.02 3.70
C VAL A 195 13.24 30.05 2.64
N LEU A 196 13.25 31.32 3.02
CA LEU A 196 13.55 32.37 2.06
C LEU A 196 15.02 32.74 1.98
N HIS A 197 15.68 32.76 3.13
CA HIS A 197 17.08 33.16 3.17
C HIS A 197 17.83 32.62 4.36
N VAL A 198 19.12 32.34 4.17
CA VAL A 198 19.95 31.85 5.25
C VAL A 198 21.06 32.87 5.51
N GLU A 199 21.04 33.44 6.70
CA GLU A 199 22.03 34.44 7.10
C GLU A 199 23.09 33.86 8.01
N ARG A 200 24.33 34.19 7.71
CA ARG A 200 25.46 33.74 8.51
C ARG A 200 26.29 34.96 8.87
N ASP A 201 25.89 35.66 9.93
CA ASP A 201 26.63 36.85 10.33
C ASP A 201 26.89 36.87 11.83
N GLY A 202 25.93 36.40 12.62
CA GLY A 202 26.12 36.36 14.06
C GLY A 202 27.06 35.23 14.40
N GLU A 203 26.80 34.54 15.52
CA GLU A 203 27.63 33.42 15.91
C GLU A 203 26.84 32.16 15.59
N ALA A 204 25.59 32.36 15.19
CA ALA A 204 24.68 31.28 14.84
C ALA A 204 24.00 31.64 13.53
N LEU A 205 23.54 30.62 12.79
CA LEU A 205 22.87 30.85 11.53
C LEU A 205 21.51 31.50 11.79
N PHE A 206 21.01 32.21 10.79
CA PHE A 206 19.73 32.90 10.88
C PHE A 206 18.87 32.52 9.67
N ILE A 207 17.82 31.75 9.89
CA ILE A 207 16.96 31.34 8.78
C ILE A 207 15.65 32.12 8.80
N LYS A 208 15.31 32.69 7.65
CA LYS A 208 14.09 33.46 7.51
C LYS A 208 13.03 32.70 6.71
N THR A 209 11.78 32.74 7.20
CA THR A 209 10.66 32.10 6.52
C THR A 209 9.47 33.06 6.62
N PRO A 210 8.44 32.85 5.80
CA PRO A 210 7.29 33.75 5.85
C PRO A 210 6.59 33.65 7.20
N SER A 211 6.78 32.53 7.88
CA SER A 211 6.16 32.29 9.17
C SER A 211 7.06 32.68 10.34
N GLY A 212 8.08 33.48 10.06
CA GLY A 212 8.99 33.89 11.12
C GLY A 212 10.44 33.46 10.91
N ASP A 213 11.33 34.03 11.71
CA ASP A 213 12.75 33.73 11.63
C ASP A 213 13.22 32.84 12.79
N VAL A 214 14.29 32.09 12.56
CA VAL A 214 14.81 31.18 13.57
C VAL A 214 16.33 31.09 13.58
N TRP A 215 16.91 30.86 14.75
CA TRP A 215 18.35 30.71 14.90
C TRP A 215 18.69 29.23 15.01
N ALA A 216 19.87 28.84 14.56
CA ALA A 216 20.28 27.45 14.60
C ALA A 216 21.79 27.36 14.63
N ASN A 217 22.31 26.29 15.22
CA ASN A 217 23.76 26.08 15.30
C ASN A 217 24.27 25.36 14.06
N HIS A 218 23.35 24.68 13.38
CA HIS A 218 23.69 23.96 12.15
C HIS A 218 22.53 24.06 11.17
N VAL A 219 22.86 24.25 9.89
CA VAL A 219 21.85 24.33 8.86
C VAL A 219 22.23 23.34 7.77
N VAL A 220 21.25 22.57 7.32
CA VAL A 220 21.49 21.60 6.27
C VAL A 220 20.57 21.93 5.10
N VAL A 221 21.16 22.12 3.92
CA VAL A 221 20.37 22.42 2.73
C VAL A 221 20.06 21.10 2.01
N ALA A 222 18.80 20.70 2.02
CA ALA A 222 18.36 19.46 1.36
C ALA A 222 17.14 19.77 0.49
N SER A 223 17.26 20.83 -0.30
CA SER A 223 16.17 21.26 -1.16
C SER A 223 16.18 20.69 -2.57
N GLY A 224 16.81 19.53 -2.75
CA GLY A 224 16.86 18.91 -4.06
C GLY A 224 17.30 19.82 -5.18
N VAL A 225 16.62 19.73 -6.32
CA VAL A 225 16.98 20.53 -7.48
C VAL A 225 16.85 22.05 -7.26
N TRP A 226 16.22 22.44 -6.16
CA TRP A 226 16.04 23.86 -5.86
C TRP A 226 17.13 24.41 -4.93
N SER A 227 18.05 23.54 -4.53
CA SER A 227 19.15 23.92 -3.62
C SER A 227 20.08 25.03 -4.11
N GLY A 228 20.08 25.30 -5.41
CA GLY A 228 20.94 26.32 -5.96
C GLY A 228 20.84 27.72 -5.38
N MET A 229 19.65 28.16 -5.01
CA MET A 229 19.51 29.51 -4.47
C MET A 229 20.23 29.67 -3.15
N PHE A 230 20.34 28.58 -2.40
CA PHE A 230 21.02 28.63 -1.11
C PHE A 230 22.54 28.62 -1.29
N PHE A 231 23.02 27.84 -2.25
CA PHE A 231 24.45 27.79 -2.53
C PHE A 231 24.88 29.22 -2.88
N LYS A 232 24.16 29.82 -3.83
CA LYS A 232 24.44 31.18 -4.27
C LYS A 232 24.30 32.21 -3.15
N GLN A 233 23.32 31.99 -2.28
CA GLN A 233 23.07 32.88 -1.15
C GLN A 233 24.26 32.86 -0.18
N LEU A 234 24.98 31.75 -0.18
CA LEU A 234 26.11 31.56 0.71
C LEU A 234 27.48 31.64 0.02
N GLY A 235 27.54 32.33 -1.12
CA GLY A 235 28.79 32.49 -1.84
C GLY A 235 29.34 31.30 -2.61
N LEU A 236 28.49 30.38 -3.02
CA LEU A 236 28.93 29.22 -3.78
C LEU A 236 28.18 29.24 -5.10
N ASN A 237 28.82 28.80 -6.18
CA ASN A 237 28.14 28.82 -7.47
C ASN A 237 27.73 27.45 -8.01
N ASN A 238 27.70 26.45 -7.13
CA ASN A 238 27.31 25.09 -7.52
C ASN A 238 25.95 25.18 -8.21
N ALA A 239 25.91 24.72 -9.46
CA ALA A 239 24.69 24.77 -10.24
C ALA A 239 23.87 23.49 -10.24
N PHE A 240 22.57 23.64 -10.44
CA PHE A 240 21.65 22.53 -10.50
C PHE A 240 20.81 22.66 -11.75
N LEU A 241 20.65 21.53 -12.43
CA LEU A 241 19.88 21.50 -13.66
C LEU A 241 18.85 20.37 -13.51
N PRO A 242 17.58 20.66 -13.78
CA PRO A 242 16.59 19.61 -13.64
C PRO A 242 16.63 18.68 -14.84
N VAL A 243 16.46 17.39 -14.58
CA VAL A 243 16.40 16.43 -15.66
C VAL A 243 15.09 15.72 -15.39
N LYS A 244 14.07 16.18 -16.11
CA LYS A 244 12.73 15.65 -15.96
C LYS A 244 12.60 14.21 -16.38
N GLY A 245 11.91 13.43 -15.56
CA GLY A 245 11.67 12.03 -15.86
C GLY A 245 10.17 11.80 -15.82
N GLU A 246 9.63 11.21 -16.88
CA GLU A 246 8.19 10.94 -16.94
C GLU A 246 7.91 9.44 -16.80
N CYS A 247 6.83 9.10 -16.11
CA CYS A 247 6.47 7.69 -15.90
C CYS A 247 4.99 7.44 -15.89
N LEU A 248 4.66 6.16 -15.75
CA LEU A 248 3.27 5.75 -15.71
C LEU A 248 3.18 4.42 -15.00
N SER A 249 1.97 4.04 -14.64
CA SER A 249 1.74 2.79 -13.96
C SER A 249 0.58 2.10 -14.63
N VAL A 250 0.57 0.78 -14.53
CA VAL A 250 -0.49 -0.04 -15.11
C VAL A 250 -0.81 -1.10 -14.09
N TRP A 251 -1.94 -1.77 -14.29
CA TRP A 251 -2.36 -2.86 -13.43
C TRP A 251 -1.97 -4.17 -14.11
N ASN A 252 -1.18 -4.97 -13.42
CA ASN A 252 -0.79 -6.27 -13.95
C ASN A 252 -1.65 -7.32 -13.26
N ASP A 253 -2.79 -7.61 -13.84
CA ASP A 253 -3.69 -8.59 -13.24
C ASP A 253 -3.64 -9.96 -13.90
N ASP A 254 -2.85 -10.11 -14.95
CA ASP A 254 -2.83 -11.39 -15.67
C ASP A 254 -1.55 -12.21 -15.74
N ILE A 255 -0.38 -11.58 -15.74
CA ILE A 255 0.84 -12.37 -15.81
C ILE A 255 1.72 -12.21 -14.59
N PRO A 256 2.56 -13.22 -14.32
CA PRO A 256 3.47 -13.17 -13.17
C PRO A 256 4.67 -12.28 -13.47
N LEU A 257 5.15 -11.57 -12.47
CA LEU A 257 6.33 -10.73 -12.61
C LEU A 257 6.84 -10.42 -11.22
N THR A 258 7.95 -11.03 -10.85
CA THR A 258 8.53 -10.86 -9.53
C THR A 258 9.78 -9.98 -9.57
N LYS A 259 10.57 -10.13 -10.64
CA LYS A 259 11.79 -9.37 -10.78
C LYS A 259 11.56 -8.05 -11.49
N THR A 260 12.33 -7.05 -11.12
CA THR A 260 12.27 -5.76 -11.78
C THR A 260 13.00 -5.96 -13.11
N LEU A 261 12.42 -5.46 -14.20
CA LEU A 261 13.05 -5.55 -15.52
C LEU A 261 13.73 -4.21 -15.74
N TYR A 262 14.98 -4.26 -16.19
CA TYR A 262 15.77 -3.04 -16.37
C TYR A 262 16.60 -3.04 -17.66
N HIS A 263 16.67 -1.89 -18.31
CA HIS A 263 17.47 -1.74 -19.53
C HIS A 263 17.65 -0.29 -19.95
N ASP A 264 18.90 0.12 -20.12
CA ASP A 264 19.23 1.48 -20.53
C ASP A 264 18.53 2.53 -19.67
N HIS A 265 18.70 2.41 -18.35
CA HIS A 265 18.09 3.33 -17.37
C HIS A 265 16.57 3.25 -17.31
N CYS A 266 15.96 2.39 -18.11
CA CYS A 266 14.51 2.24 -18.11
C CYS A 266 14.12 1.01 -17.31
N TYR A 267 12.89 1.02 -16.80
CA TYR A 267 12.48 -0.05 -15.92
C TYR A 267 11.00 -0.39 -15.88
N ILE A 268 10.72 -1.55 -15.32
CA ILE A 268 9.36 -2.03 -15.13
C ILE A 268 9.44 -2.68 -13.75
N VAL A 269 8.89 -2.01 -12.73
CA VAL A 269 8.94 -2.58 -11.39
C VAL A 269 7.54 -2.93 -10.88
N PRO A 270 7.37 -4.20 -10.48
CA PRO A 270 6.12 -4.75 -9.97
C PRO A 270 5.96 -4.45 -8.47
N ARG A 271 4.93 -3.69 -8.12
CA ARG A 271 4.70 -3.36 -6.71
C ARG A 271 3.82 -4.43 -6.08
N LYS A 272 3.85 -4.50 -4.75
CA LYS A 272 3.09 -5.50 -4.02
C LYS A 272 1.58 -5.29 -4.15
N SER A 273 1.20 -4.17 -4.75
CA SER A 273 -0.19 -3.85 -4.97
C SER A 273 -0.71 -4.43 -6.29
N GLY A 274 0.19 -4.95 -7.12
CA GLY A 274 -0.24 -5.50 -8.39
C GLY A 274 -0.05 -4.53 -9.54
N ARG A 275 0.49 -3.36 -9.24
CA ARG A 275 0.76 -2.34 -10.24
C ARG A 275 2.19 -2.50 -10.77
N LEU A 276 2.45 -2.01 -11.98
CA LEU A 276 3.80 -2.03 -12.51
C LEU A 276 4.11 -0.54 -12.66
N VAL A 277 5.25 -0.12 -12.14
CA VAL A 277 5.64 1.27 -12.28
C VAL A 277 6.60 1.22 -13.43
N VAL A 278 6.28 1.99 -14.46
CA VAL A 278 7.07 1.97 -15.66
C VAL A 278 7.65 3.26 -16.11
N GLY A 279 8.89 3.13 -16.60
CA GLY A 279 9.47 4.29 -17.19
C GLY A 279 10.86 4.80 -17.37
N ALA A 280 10.65 6.09 -17.39
CA ALA A 280 11.46 7.24 -17.50
C ALA A 280 12.18 7.71 -18.72
N THR A 281 11.79 8.95 -19.05
CA THR A 281 12.31 9.81 -20.08
C THR A 281 13.42 10.59 -19.34
N MET A 282 14.26 11.24 -20.14
CA MET A 282 15.37 12.00 -19.62
C MET A 282 15.32 13.32 -20.37
N LYS A 283 14.81 14.36 -19.71
CA LYS A 283 14.68 15.68 -20.32
C LYS A 283 15.37 16.80 -19.55
N PRO A 284 16.65 17.07 -19.85
CA PRO A 284 17.45 18.12 -19.21
C PRO A 284 16.89 19.53 -19.43
N GLY A 285 16.94 20.36 -18.40
CA GLY A 285 16.45 21.73 -18.49
C GLY A 285 14.95 21.94 -18.39
N ASP A 286 14.17 20.87 -18.34
CA ASP A 286 12.72 20.98 -18.27
C ASP A 286 12.27 21.00 -16.81
N TRP A 287 11.71 22.12 -16.36
CA TRP A 287 11.25 22.24 -14.99
C TRP A 287 9.78 21.85 -14.75
N SER A 288 9.04 21.51 -15.80
CA SER A 288 7.63 21.13 -15.65
C SER A 288 7.49 19.77 -14.98
N GLU A 289 6.53 19.62 -14.08
CA GLU A 289 6.36 18.35 -13.37
C GLU A 289 5.20 17.46 -13.77
N THR A 290 4.61 17.73 -14.94
CA THR A 290 3.53 16.90 -15.44
C THR A 290 4.02 16.40 -16.81
N PRO A 291 3.78 15.12 -17.12
CA PRO A 291 4.21 14.51 -18.38
C PRO A 291 3.51 15.06 -19.62
N ASP A 292 4.22 15.13 -20.75
CA ASP A 292 3.58 15.59 -21.97
C ASP A 292 3.35 14.35 -22.83
N LEU A 293 2.53 14.48 -23.86
CA LEU A 293 2.20 13.37 -24.73
C LEU A 293 3.39 12.62 -25.33
N GLY A 294 4.37 13.36 -25.83
CA GLY A 294 5.54 12.73 -26.44
C GLY A 294 6.32 11.86 -25.48
N GLY A 295 6.50 12.34 -24.25
CA GLY A 295 7.24 11.59 -23.25
C GLY A 295 6.56 10.28 -22.89
N LEU A 296 5.26 10.33 -22.62
CA LEU A 296 4.54 9.12 -22.27
C LEU A 296 4.53 8.09 -23.41
N GLU A 297 4.33 8.55 -24.64
CA GLU A 297 4.34 7.65 -25.79
C GLU A 297 5.68 6.92 -25.84
N SER A 298 6.75 7.64 -25.56
CA SER A 298 8.10 7.10 -25.56
C SER A 298 8.31 6.05 -24.45
N VAL A 299 7.71 6.30 -23.29
CA VAL A 299 7.82 5.36 -22.17
C VAL A 299 7.06 4.08 -22.50
N MET A 300 5.89 4.23 -23.11
CA MET A 300 5.06 3.09 -23.50
C MET A 300 5.76 2.22 -24.54
N LYS A 301 6.39 2.87 -25.52
CA LYS A 301 7.11 2.19 -26.58
C LYS A 301 8.26 1.37 -26.00
N LYS A 302 9.03 1.99 -25.12
CA LYS A 302 10.15 1.31 -24.48
C LYS A 302 9.68 0.11 -23.64
N ALA A 303 8.67 0.32 -22.81
CA ALA A 303 8.16 -0.73 -21.95
C ALA A 303 7.76 -1.98 -22.74
N LYS A 304 7.12 -1.78 -23.89
CA LYS A 304 6.68 -2.88 -24.73
C LYS A 304 7.85 -3.73 -25.27
N THR A 305 9.01 -3.13 -25.48
CA THR A 305 10.16 -3.88 -25.97
C THR A 305 10.68 -4.79 -24.85
N MET A 306 10.51 -4.36 -23.61
CA MET A 306 10.97 -5.13 -22.47
C MET A 306 9.99 -6.19 -21.98
N LEU A 307 8.70 -5.85 -22.01
CA LEU A 307 7.66 -6.76 -21.53
C LEU A 307 6.43 -6.63 -22.42
N PRO A 308 6.43 -7.32 -23.58
CA PRO A 308 5.35 -7.31 -24.57
C PRO A 308 3.91 -7.30 -24.06
N PRO A 309 3.59 -8.17 -23.09
CA PRO A 309 2.22 -8.21 -22.56
C PRO A 309 1.73 -6.91 -21.92
N ILE A 310 2.64 -6.02 -21.54
CA ILE A 310 2.25 -4.77 -20.91
C ILE A 310 1.34 -3.94 -21.82
N GLN A 311 1.35 -4.28 -23.10
CA GLN A 311 0.52 -3.60 -24.08
C GLN A 311 -0.98 -3.74 -23.82
N ASN A 312 -1.37 -4.83 -23.17
CA ASN A 312 -2.79 -5.06 -22.91
C ASN A 312 -3.19 -4.77 -21.46
N MET A 313 -2.30 -4.13 -20.70
CA MET A 313 -2.61 -3.83 -19.31
C MET A 313 -3.28 -2.46 -19.17
N LYS A 314 -4.19 -2.35 -18.22
CA LYS A 314 -4.89 -1.10 -18.01
C LYS A 314 -3.98 -0.05 -17.40
N VAL A 315 -4.01 1.15 -17.98
CA VAL A 315 -3.21 2.25 -17.48
C VAL A 315 -3.84 2.76 -16.19
N ASP A 316 -3.00 3.05 -15.21
CA ASP A 316 -3.47 3.52 -13.91
C ASP A 316 -3.23 5.02 -13.79
N ARG A 317 -1.96 5.41 -13.69
CA ARG A 317 -1.61 6.82 -13.54
C ARG A 317 -0.38 7.18 -14.37
N PHE A 318 -0.13 8.49 -14.45
CA PHE A 318 1.02 9.03 -15.17
C PHE A 318 1.51 10.20 -14.34
N TRP A 319 2.81 10.44 -14.34
CA TRP A 319 3.36 11.54 -13.55
C TRP A 319 4.81 11.81 -13.96
N ALA A 320 5.44 12.77 -13.30
CA ALA A 320 6.82 13.11 -13.63
C ALA A 320 7.50 13.74 -12.42
N GLY A 321 8.83 13.80 -12.49
CA GLY A 321 9.62 14.39 -11.42
C GLY A 321 10.90 15.00 -11.98
N LEU A 322 11.52 15.88 -11.21
CA LEU A 322 12.74 16.55 -11.66
C LEU A 322 13.98 16.00 -10.98
N ARG A 323 14.80 15.26 -11.71
CA ARG A 323 16.03 14.73 -11.12
C ARG A 323 16.95 15.91 -10.93
N PRO A 324 17.55 16.04 -9.73
CA PRO A 324 18.47 17.16 -9.49
C PRO A 324 19.84 16.87 -10.10
N GLY A 325 20.14 17.53 -11.22
CA GLY A 325 21.40 17.30 -11.89
C GLY A 325 22.50 18.29 -11.58
N THR A 326 23.65 17.77 -11.15
CA THR A 326 24.81 18.62 -10.88
C THR A 326 25.69 18.51 -12.12
N LYS A 327 26.76 19.29 -12.18
CA LYS A 327 27.65 19.27 -13.33
C LYS A 327 28.26 17.91 -13.66
N ASP A 328 28.41 17.04 -12.66
CA ASP A 328 28.98 15.73 -12.90
C ASP A 328 28.05 14.56 -12.57
N GLY A 329 26.77 14.87 -12.32
CA GLY A 329 25.80 13.84 -12.01
C GLY A 329 25.98 13.22 -10.65
N LYS A 330 26.78 13.86 -9.80
CA LYS A 330 27.04 13.36 -8.46
C LYS A 330 26.53 14.38 -7.46
N PRO A 331 26.05 13.92 -6.29
CA PRO A 331 25.54 14.83 -5.27
C PRO A 331 26.63 15.59 -4.49
N TYR A 332 26.20 16.64 -3.81
CA TYR A 332 27.08 17.45 -2.98
C TYR A 332 26.64 17.10 -1.56
N ILE A 333 27.46 16.34 -0.85
CA ILE A 333 27.14 15.95 0.52
C ILE A 333 28.28 16.35 1.44
N GLY A 334 28.10 17.42 2.19
CA GLY A 334 29.15 17.85 3.10
C GLY A 334 29.03 19.27 3.58
N ARG A 335 30.08 19.72 4.28
CA ARG A 335 30.13 21.05 4.85
C ARG A 335 30.45 22.14 3.84
N HIS A 336 30.07 23.37 4.18
CA HIS A 336 30.35 24.54 3.36
C HIS A 336 31.85 24.74 3.56
N PRO A 337 32.63 24.81 2.47
CA PRO A 337 34.08 25.00 2.54
C PRO A 337 34.55 26.06 3.55
N GLU A 338 33.82 27.16 3.64
CA GLU A 338 34.19 28.24 4.55
C GLU A 338 33.36 28.37 5.81
N ASP A 339 32.52 27.37 6.10
CA ASP A 339 31.66 27.41 7.28
C ASP A 339 31.16 26.00 7.59
N SER A 340 31.71 25.39 8.63
CA SER A 340 31.33 24.02 9.00
C SER A 340 29.96 23.88 9.69
N ARG A 341 29.27 24.99 9.88
CA ARG A 341 27.95 24.98 10.51
C ARG A 341 26.89 24.77 9.43
N ILE A 342 27.28 25.04 8.19
CA ILE A 342 26.40 24.90 7.03
C ILE A 342 26.75 23.64 6.24
N LEU A 343 25.76 22.79 5.98
CA LEU A 343 25.99 21.57 5.22
C LEU A 343 25.01 21.49 4.05
N PHE A 344 25.36 20.67 3.05
CA PHE A 344 24.55 20.48 1.85
C PHE A 344 24.39 18.99 1.58
N ALA A 345 23.22 18.60 1.08
CA ALA A 345 22.95 17.20 0.75
C ALA A 345 21.94 17.25 -0.40
N ALA A 346 22.44 17.56 -1.59
CA ALA A 346 21.60 17.69 -2.77
C ALA A 346 22.32 17.36 -4.07
N GLY A 347 21.58 16.82 -5.03
CA GLY A 347 22.16 16.47 -6.31
C GLY A 347 22.20 14.98 -6.58
N HIS A 348 21.31 14.22 -5.95
CA HIS A 348 21.24 12.78 -6.17
C HIS A 348 20.47 12.60 -7.48
N PHE A 349 21.20 12.45 -8.58
CA PHE A 349 20.61 12.31 -9.90
C PHE A 349 19.57 11.18 -10.05
N ARG A 350 20.02 9.93 -10.05
CA ARG A 350 19.12 8.79 -10.20
C ARG A 350 19.23 7.85 -8.99
N ASN A 351 19.82 8.32 -7.90
CA ASN A 351 20.03 7.45 -6.74
C ASN A 351 19.65 8.02 -5.39
N GLY A 352 18.77 9.02 -5.38
CA GLY A 352 18.37 9.63 -4.12
C GLY A 352 17.71 8.70 -3.12
N ILE A 353 16.95 7.73 -3.60
CA ILE A 353 16.27 6.81 -2.70
C ILE A 353 17.27 5.82 -2.09
N LEU A 354 18.09 5.23 -2.95
CA LEU A 354 19.13 4.28 -2.51
C LEU A 354 20.07 4.95 -1.50
N LEU A 355 20.51 6.17 -1.82
CA LEU A 355 21.44 6.89 -0.98
C LEU A 355 20.86 7.67 0.22
N ALA A 356 19.56 7.55 0.47
CA ALA A 356 18.94 8.28 1.58
C ALA A 356 19.53 7.93 2.96
N PRO A 357 19.61 6.64 3.30
CA PRO A 357 20.15 6.22 4.60
C PRO A 357 21.60 6.68 4.82
N ALA A 358 22.46 6.43 3.83
CA ALA A 358 23.87 6.81 3.93
C ALA A 358 24.06 8.33 3.94
N THR A 359 23.27 9.04 3.14
CA THR A 359 23.39 10.49 3.12
C THR A 359 22.96 11.03 4.49
N GLY A 360 21.85 10.51 4.99
CA GLY A 360 21.37 10.96 6.28
C GLY A 360 22.37 10.76 7.40
N ALA A 361 22.91 9.54 7.49
CA ALA A 361 23.89 9.20 8.52
C ALA A 361 25.18 10.00 8.37
N LEU A 362 25.60 10.23 7.13
CA LEU A 362 26.83 11.00 6.89
C LEU A 362 26.68 12.45 7.34
N ILE A 363 25.57 13.07 6.99
CA ILE A 363 25.34 14.47 7.39
C ILE A 363 25.22 14.56 8.91
N SER A 364 24.53 13.58 9.51
CA SER A 364 24.35 13.56 10.95
C SER A 364 25.72 13.44 11.64
N ASP A 365 26.50 12.45 11.22
CA ASP A 365 27.83 12.25 11.80
C ASP A 365 28.66 13.52 11.70
N LEU A 366 28.59 14.19 10.55
CA LEU A 366 29.35 15.42 10.35
C LEU A 366 28.96 16.49 11.37
N ILE A 367 27.66 16.62 11.62
CA ILE A 367 27.14 17.59 12.57
C ILE A 367 27.57 17.21 13.99
N MET A 368 27.55 15.91 14.29
CA MET A 368 27.96 15.41 15.60
C MET A 368 29.48 15.40 15.68
N ASN A 369 30.12 15.87 14.62
CA ASN A 369 31.58 15.93 14.54
C ASN A 369 32.23 14.56 14.66
N LYS A 370 31.45 13.50 14.45
CA LYS A 370 31.98 12.15 14.52
C LYS A 370 33.02 11.95 13.43
N GLU A 371 33.67 10.79 13.46
CA GLU A 371 34.69 10.46 12.47
C GLU A 371 33.98 9.89 11.24
N VAL A 372 34.43 10.29 10.06
CA VAL A 372 33.80 9.81 8.84
C VAL A 372 34.78 9.37 7.76
N ASN A 373 34.32 8.46 6.90
CA ASN A 373 35.12 7.94 5.81
C ASN A 373 35.60 9.13 4.98
N GLN A 374 36.92 9.32 4.91
CA GLN A 374 37.47 10.44 4.16
C GLN A 374 37.34 10.30 2.65
N ASP A 375 37.23 9.06 2.15
CA ASP A 375 37.08 8.87 0.71
C ASP A 375 35.71 9.39 0.27
N TRP A 376 34.68 9.03 1.02
CA TRP A 376 33.33 9.45 0.72
C TRP A 376 33.19 10.96 0.88
N LEU A 377 33.73 11.47 1.97
CA LEU A 377 33.67 12.91 2.24
C LEU A 377 34.29 13.69 1.10
N HIS A 378 35.36 13.14 0.53
CA HIS A 378 36.05 13.81 -0.57
C HIS A 378 35.30 13.70 -1.90
N ALA A 379 34.71 12.53 -2.16
CA ALA A 379 34.00 12.32 -3.40
C ALA A 379 32.80 13.25 -3.56
N PHE A 380 32.19 13.64 -2.44
CA PHE A 380 31.02 14.50 -2.46
C PHE A 380 31.30 15.95 -2.05
N ARG A 381 32.57 16.33 -2.09
CA ARG A 381 33.00 17.69 -1.75
C ARG A 381 32.16 18.73 -2.46
N ILE A 382 31.91 19.84 -1.77
CA ILE A 382 31.13 20.93 -2.32
C ILE A 382 31.94 21.77 -3.31
N ASP A 383 33.26 21.79 -3.13
CA ASP A 383 34.12 22.57 -4.01
C ASP A 383 34.91 21.72 -5.01
N ARG A 384 34.22 20.85 -5.74
CA ARG A 384 34.89 20.01 -6.73
C ARG A 384 35.41 20.87 -7.86
N LYS A 385 36.74 20.97 -7.98
CA LYS A 385 37.42 21.76 -8.99
C LYS A 385 36.51 22.66 -9.83
N MET B 22 -13.05 -18.10 -23.66
CA MET B 22 -14.08 -18.58 -22.69
C MET B 22 -14.59 -19.95 -23.11
N LYS B 23 -14.24 -20.98 -22.34
CA LYS B 23 -14.67 -22.33 -22.64
C LYS B 23 -16.18 -22.50 -22.64
N ARG B 24 -16.65 -23.61 -23.22
CA ARG B 24 -18.07 -23.91 -23.31
C ARG B 24 -18.61 -24.61 -22.08
N HIS B 25 -17.74 -25.32 -21.37
CA HIS B 25 -18.16 -26.04 -20.18
C HIS B 25 -17.09 -25.94 -19.09
N TYR B 26 -17.56 -25.79 -17.85
CA TYR B 26 -16.70 -25.71 -16.66
C TYR B 26 -17.33 -26.59 -15.58
N GLU B 27 -16.49 -27.16 -14.71
CA GLU B 27 -17.01 -27.99 -13.63
C GLU B 27 -17.73 -27.13 -12.59
N ALA B 28 -17.29 -25.89 -12.45
CA ALA B 28 -17.88 -24.96 -11.50
C ALA B 28 -17.77 -23.52 -11.97
N VAL B 29 -18.86 -22.77 -11.79
CA VAL B 29 -18.90 -21.39 -12.20
C VAL B 29 -19.34 -20.49 -11.04
N VAL B 30 -18.59 -19.42 -10.82
CA VAL B 30 -18.88 -18.47 -9.76
C VAL B 30 -19.42 -17.17 -10.36
N ILE B 31 -20.59 -16.74 -9.89
CA ILE B 31 -21.21 -15.52 -10.37
C ILE B 31 -20.99 -14.40 -9.35
N GLY B 32 -20.05 -13.51 -9.66
CA GLY B 32 -19.74 -12.40 -8.76
C GLY B 32 -18.26 -12.40 -8.44
N GLY B 33 -17.62 -11.24 -8.64
CA GLY B 33 -16.19 -11.15 -8.37
C GLY B 33 -15.81 -10.26 -7.20
N GLY B 34 -16.66 -10.21 -6.18
CA GLY B 34 -16.33 -9.43 -5.00
C GLY B 34 -15.36 -10.29 -4.18
N ILE B 35 -15.17 -10.00 -2.91
CA ILE B 35 -14.24 -10.81 -2.12
C ILE B 35 -14.80 -12.22 -1.86
N ILE B 36 -16.12 -12.36 -1.79
CA ILE B 36 -16.72 -13.68 -1.57
C ILE B 36 -16.47 -14.58 -2.80
N GLY B 37 -16.83 -14.08 -3.98
CA GLY B 37 -16.63 -14.83 -5.20
C GLY B 37 -15.17 -15.20 -5.42
N SER B 38 -14.28 -14.22 -5.26
CA SER B 38 -12.85 -14.46 -5.45
C SER B 38 -12.33 -15.54 -4.50
N ALA B 39 -12.80 -15.51 -3.25
CA ALA B 39 -12.40 -16.49 -2.27
C ALA B 39 -12.88 -17.88 -2.70
N ILE B 40 -14.13 -17.96 -3.12
CA ILE B 40 -14.69 -19.24 -3.57
C ILE B 40 -13.91 -19.78 -4.77
N ALA B 41 -13.62 -18.91 -5.74
CA ALA B 41 -12.88 -19.29 -6.93
C ALA B 41 -11.50 -19.82 -6.57
N TYR B 42 -10.88 -19.22 -5.56
CA TYR B 42 -9.56 -19.64 -5.13
C TYR B 42 -9.57 -21.05 -4.53
N TYR B 43 -10.47 -21.29 -3.59
CA TYR B 43 -10.55 -22.60 -2.96
C TYR B 43 -10.96 -23.68 -3.94
N LEU B 44 -11.85 -23.36 -4.87
CA LEU B 44 -12.27 -24.35 -5.87
C LEU B 44 -11.07 -24.76 -6.71
N ALA B 45 -10.29 -23.78 -7.18
CA ALA B 45 -9.11 -24.05 -7.99
C ALA B 45 -8.06 -24.75 -7.15
N LYS B 46 -8.16 -24.56 -5.83
CA LYS B 46 -7.25 -25.17 -4.87
C LYS B 46 -7.53 -26.67 -4.90
N GLU B 47 -8.81 -27.01 -5.05
CA GLU B 47 -9.26 -28.41 -5.10
C GLU B 47 -9.03 -28.99 -6.49
N ASN B 48 -8.35 -28.22 -7.33
CA ASN B 48 -8.05 -28.62 -8.69
C ASN B 48 -9.33 -28.83 -9.50
N LYS B 49 -10.34 -28.03 -9.16
CA LYS B 49 -11.64 -28.07 -9.82
C LYS B 49 -11.63 -27.00 -10.92
N ASN B 50 -11.84 -27.41 -12.17
CA ASN B 50 -11.86 -26.47 -13.29
C ASN B 50 -13.02 -25.49 -13.12
N THR B 51 -12.70 -24.25 -12.74
CA THR B 51 -13.73 -23.25 -12.52
C THR B 51 -13.54 -21.93 -13.25
N ALA B 52 -14.65 -21.22 -13.43
CA ALA B 52 -14.66 -19.92 -14.08
C ALA B 52 -15.43 -18.95 -13.19
N LEU B 53 -15.07 -17.68 -13.25
CA LEU B 53 -15.74 -16.66 -12.46
C LEU B 53 -16.15 -15.52 -13.38
N PHE B 54 -17.42 -15.13 -13.30
CA PHE B 54 -17.96 -14.04 -14.12
C PHE B 54 -18.30 -12.85 -13.24
N GLU B 55 -17.68 -11.71 -13.54
CA GLU B 55 -17.90 -10.48 -12.79
C GLU B 55 -18.40 -9.38 -13.73
N SER B 56 -19.47 -8.68 -13.32
CA SER B 56 -20.05 -7.61 -14.13
C SER B 56 -19.09 -6.49 -14.50
N GLY B 57 -18.28 -6.07 -13.54
CA GLY B 57 -17.33 -5.01 -13.76
C GLY B 57 -15.91 -5.51 -13.54
N THR B 58 -15.20 -4.90 -12.59
CA THR B 58 -13.85 -5.31 -12.27
C THR B 58 -13.83 -6.03 -10.92
N MET B 59 -12.85 -6.90 -10.73
CA MET B 59 -12.74 -7.66 -9.49
C MET B 59 -12.69 -6.75 -8.27
N GLY B 60 -13.57 -7.02 -7.32
CA GLY B 60 -13.64 -6.27 -6.08
C GLY B 60 -13.96 -4.79 -6.19
N GLY B 61 -14.52 -4.36 -7.32
CA GLY B 61 -14.82 -2.95 -7.50
C GLY B 61 -16.11 -2.44 -6.87
N ARG B 62 -16.83 -3.30 -6.15
CA ARG B 62 -18.08 -2.88 -5.54
C ARG B 62 -18.02 -2.70 -4.01
N THR B 63 -18.90 -3.37 -3.29
CA THR B 63 -18.94 -3.23 -1.84
C THR B 63 -17.61 -3.60 -1.18
N THR B 64 -16.91 -4.55 -1.76
CA THR B 64 -15.62 -5.00 -1.25
C THR B 64 -14.60 -3.85 -1.15
N SER B 65 -14.60 -2.95 -2.12
CA SER B 65 -13.67 -1.83 -2.15
C SER B 65 -14.02 -0.72 -1.16
N ALA B 66 -15.26 -0.73 -0.66
CA ALA B 66 -15.72 0.27 0.28
C ALA B 66 -15.47 -0.12 1.75
N ALA B 67 -15.28 -1.41 2.00
CA ALA B 67 -15.08 -1.93 3.36
C ALA B 67 -13.84 -1.46 4.10
N ALA B 68 -13.99 -1.29 5.41
CA ALA B 68 -12.87 -0.86 6.24
C ALA B 68 -11.83 -1.99 6.29
N GLY B 69 -12.29 -3.23 6.35
CA GLY B 69 -11.35 -4.34 6.39
C GLY B 69 -11.09 -4.95 7.76
N MET B 70 -11.89 -4.58 8.75
CA MET B 70 -11.73 -5.13 10.10
C MET B 70 -12.17 -6.59 10.14
N LEU B 71 -11.42 -7.42 10.87
CA LEU B 71 -11.80 -8.82 11.00
C LEU B 71 -12.56 -8.81 12.34
N GLY B 72 -13.72 -8.17 12.32
CA GLY B 72 -14.54 -7.99 13.51
C GLY B 72 -15.41 -9.10 14.04
N ALA B 73 -14.80 -10.23 14.40
CA ALA B 73 -15.55 -11.36 14.93
C ALA B 73 -16.28 -11.00 16.22
N HIS B 74 -15.69 -10.10 17.01
CA HIS B 74 -16.28 -9.71 18.29
C HIS B 74 -17.30 -8.58 18.19
N ALA B 75 -17.71 -8.25 16.96
CA ALA B 75 -18.70 -7.21 16.74
C ALA B 75 -20.05 -7.90 16.61
N GLU B 76 -20.02 -9.23 16.58
CA GLU B 76 -21.23 -10.01 16.44
C GLU B 76 -21.24 -11.21 17.37
N CYS B 77 -20.70 -11.04 18.58
CA CYS B 77 -20.68 -12.13 19.54
C CYS B 77 -21.97 -12.11 20.36
N GLU B 78 -22.80 -11.08 20.11
CA GLU B 78 -24.09 -10.96 20.78
C GLU B 78 -24.73 -12.33 20.63
N GLU B 79 -24.84 -13.06 21.73
CA GLU B 79 -25.40 -14.40 21.68
C GLU B 79 -24.36 -15.28 21.01
N ARG B 80 -23.69 -16.11 21.80
CA ARG B 80 -22.65 -16.98 21.29
C ARG B 80 -23.19 -18.15 20.47
N ASP B 81 -23.94 -17.84 19.41
CA ASP B 81 -24.51 -18.86 18.55
C ASP B 81 -23.56 -19.30 17.45
N ALA B 82 -24.05 -20.13 16.54
CA ALA B 82 -23.26 -20.65 15.44
C ALA B 82 -22.60 -19.50 14.66
N PHE B 83 -23.37 -18.45 14.40
CA PHE B 83 -22.91 -17.28 13.67
C PHE B 83 -21.56 -16.80 14.21
N PHE B 84 -21.48 -16.63 15.53
CA PHE B 84 -20.25 -16.17 16.15
C PHE B 84 -19.11 -17.18 16.01
N ASP B 85 -19.42 -18.47 16.13
CA ASP B 85 -18.42 -19.52 16.02
C ASP B 85 -17.84 -19.55 14.61
N PHE B 86 -18.70 -19.37 13.62
CA PHE B 86 -18.29 -19.36 12.23
C PHE B 86 -17.30 -18.20 12.05
N ALA B 87 -17.67 -17.04 12.59
CA ALA B 87 -16.84 -15.85 12.51
C ALA B 87 -15.47 -16.06 13.15
N MET B 88 -15.46 -16.57 14.38
CA MET B 88 -14.19 -16.82 15.07
C MET B 88 -13.36 -17.76 14.23
N HIS B 89 -14.01 -18.78 13.69
CA HIS B 89 -13.35 -19.76 12.84
C HIS B 89 -12.70 -19.09 11.63
N SER B 90 -13.44 -18.20 10.98
CA SER B 90 -12.93 -17.49 9.81
C SER B 90 -11.76 -16.60 10.19
N GLN B 91 -11.87 -15.97 11.36
CA GLN B 91 -10.79 -15.11 11.83
C GLN B 91 -9.51 -15.91 11.94
N ARG B 92 -9.62 -17.14 12.43
CA ARG B 92 -8.45 -18.01 12.58
C ARG B 92 -7.89 -18.38 11.20
N LEU B 93 -8.77 -18.53 10.22
CA LEU B 93 -8.32 -18.89 8.88
C LEU B 93 -7.40 -17.82 8.29
N TYR B 94 -7.54 -16.58 8.74
CA TYR B 94 -6.71 -15.48 8.24
C TYR B 94 -5.25 -15.64 8.65
N LYS B 95 -5.01 -16.57 9.57
CA LYS B 95 -3.66 -16.84 10.03
C LYS B 95 -2.86 -17.48 8.89
N GLY B 96 -1.81 -16.79 8.44
CA GLY B 96 -1.00 -17.33 7.37
C GLY B 96 -1.58 -17.14 5.98
N LEU B 97 -2.82 -16.65 5.89
CA LEU B 97 -3.44 -16.45 4.59
C LEU B 97 -2.66 -15.44 3.77
N GLY B 98 -2.28 -14.32 4.40
CA GLY B 98 -1.53 -13.30 3.70
C GLY B 98 -0.27 -13.88 3.06
N GLU B 99 0.48 -14.64 3.85
CA GLU B 99 1.71 -15.27 3.38
C GLU B 99 1.40 -16.24 2.25
N GLU B 100 0.35 -17.04 2.44
CA GLU B 100 -0.06 -18.02 1.45
C GLU B 100 -0.41 -17.37 0.10
N LEU B 101 -1.35 -16.42 0.11
CA LEU B 101 -1.77 -15.77 -1.11
C LEU B 101 -0.65 -14.96 -1.78
N TYR B 102 0.25 -14.41 -0.98
CA TYR B 102 1.35 -13.62 -1.53
C TYR B 102 2.25 -14.48 -2.41
N ALA B 103 2.57 -15.68 -1.93
CA ALA B 103 3.43 -16.59 -2.67
C ALA B 103 2.93 -16.84 -4.08
N LEU B 104 1.61 -16.91 -4.23
CA LEU B 104 1.00 -17.17 -5.54
C LEU B 104 0.69 -15.94 -6.38
N SER B 105 0.33 -14.83 -5.73
CA SER B 105 -0.06 -13.62 -6.44
C SER B 105 0.92 -12.45 -6.45
N GLY B 106 1.77 -12.37 -5.44
CA GLY B 106 2.69 -11.25 -5.38
C GLY B 106 1.94 -10.03 -4.84
N VAL B 107 0.69 -10.24 -4.43
CA VAL B 107 -0.13 -9.15 -3.89
C VAL B 107 -0.19 -9.21 -2.36
N ASP B 108 0.15 -8.10 -1.71
CA ASP B 108 0.14 -7.99 -0.26
C ASP B 108 -1.25 -7.59 0.25
N ILE B 109 -1.83 -8.34 1.20
CA ILE B 109 -3.16 -8.00 1.71
C ILE B 109 -3.13 -6.83 2.70
N ARG B 110 -1.93 -6.42 3.10
CA ARG B 110 -1.76 -5.30 4.01
C ARG B 110 -2.45 -5.51 5.36
N GLN B 111 -2.02 -6.54 6.09
CA GLN B 111 -2.60 -6.83 7.38
C GLN B 111 -1.93 -6.00 8.49
N HIS B 112 -2.76 -5.44 9.37
CA HIS B 112 -2.29 -4.59 10.48
C HIS B 112 -2.75 -5.27 11.78
N ASN B 113 -1.78 -5.70 12.59
CA ASN B 113 -2.09 -6.39 13.84
C ASN B 113 -2.16 -5.58 15.14
N GLY B 114 -2.40 -4.28 15.03
CA GLY B 114 -2.49 -3.47 16.23
C GLY B 114 -3.58 -3.93 17.19
N GLY B 115 -4.71 -4.38 16.64
CA GLY B 115 -5.81 -4.81 17.49
C GLY B 115 -6.86 -3.73 17.59
N MET B 116 -7.88 -3.95 18.40
CA MET B 116 -8.98 -3.00 18.51
C MET B 116 -9.45 -2.60 19.90
N PHE B 117 -9.76 -1.31 20.06
CA PHE B 117 -10.30 -0.74 21.29
C PHE B 117 -11.78 -0.41 21.02
N LYS B 118 -12.69 -1.17 21.61
CA LYS B 118 -14.11 -0.87 21.45
C LYS B 118 -14.41 0.05 22.64
N LEU B 119 -14.58 1.34 22.36
CA LEU B 119 -14.81 2.35 23.39
C LEU B 119 -16.19 2.32 24.07
N ALA B 120 -16.22 2.81 25.30
CA ALA B 120 -17.47 2.91 26.04
C ALA B 120 -17.62 4.38 26.40
N PHE B 121 -18.81 4.94 26.17
CA PHE B 121 -19.04 6.34 26.52
C PHE B 121 -20.15 6.46 27.55
N SER B 122 -20.67 5.32 28.00
CA SER B 122 -21.74 5.31 28.99
C SER B 122 -21.78 3.98 29.74
N GLU B 123 -22.54 3.93 30.83
CA GLU B 123 -22.66 2.70 31.59
C GLU B 123 -23.21 1.61 30.68
N GLU B 124 -24.19 1.99 29.85
CA GLU B 124 -24.81 1.07 28.92
C GLU B 124 -23.74 0.46 28.01
N ASP B 125 -22.82 1.27 27.51
CA ASP B 125 -21.76 0.77 26.65
C ASP B 125 -20.92 -0.22 27.44
N VAL B 126 -20.62 0.12 28.70
CA VAL B 126 -19.84 -0.76 29.54
C VAL B 126 -20.54 -2.12 29.70
N LEU B 127 -21.83 -2.08 30.02
CA LEU B 127 -22.61 -3.30 30.19
C LEU B 127 -22.59 -4.16 28.94
N GLN B 128 -22.74 -3.54 27.78
CA GLN B 128 -22.72 -4.29 26.54
C GLN B 128 -21.37 -4.96 26.32
N LEU B 129 -20.30 -4.20 26.47
CA LEU B 129 -18.94 -4.69 26.26
C LEU B 129 -18.42 -5.72 27.27
N ARG B 130 -18.75 -5.55 28.55
CA ARG B 130 -18.28 -6.51 29.56
C ARG B 130 -18.98 -7.86 29.40
N GLN B 131 -20.06 -7.90 28.61
CA GLN B 131 -20.78 -9.16 28.39
C GLN B 131 -19.83 -10.22 27.81
N MET B 132 -18.68 -9.79 27.29
CA MET B 132 -17.76 -10.75 26.71
C MET B 132 -16.41 -10.88 27.42
N ASP B 133 -16.35 -10.47 28.69
CA ASP B 133 -15.11 -10.56 29.45
C ASP B 133 -14.64 -12.01 29.62
N ASP B 134 -15.58 -12.95 29.59
CA ASP B 134 -15.25 -14.36 29.75
C ASP B 134 -14.42 -14.93 28.60
N LEU B 135 -14.47 -14.26 27.45
CA LEU B 135 -13.72 -14.69 26.28
C LEU B 135 -12.23 -14.36 26.41
N ASP B 136 -11.39 -15.18 25.79
CA ASP B 136 -9.94 -14.95 25.83
C ASP B 136 -9.55 -13.88 24.83
N SER B 137 -8.36 -13.30 25.01
CA SER B 137 -7.86 -12.24 24.13
C SER B 137 -8.72 -10.98 24.21
N VAL B 138 -9.83 -11.08 24.95
CA VAL B 138 -10.71 -9.93 25.15
C VAL B 138 -10.52 -9.47 26.58
N SER B 139 -9.97 -8.27 26.75
CA SER B 139 -9.74 -7.75 28.10
C SER B 139 -10.21 -6.30 28.24
N TRP B 140 -10.80 -6.01 29.40
CA TRP B 140 -11.32 -4.68 29.66
C TRP B 140 -10.22 -3.72 30.11
N TYR B 141 -10.25 -2.50 29.58
CA TYR B 141 -9.29 -1.46 29.92
C TYR B 141 -10.02 -0.28 30.54
N SER B 142 -9.48 0.23 31.65
CA SER B 142 -10.08 1.39 32.30
C SER B 142 -9.76 2.60 31.44
N LYS B 143 -10.42 3.72 31.73
CA LYS B 143 -10.21 4.96 31.00
C LYS B 143 -8.71 5.27 30.93
N GLU B 144 -8.05 5.25 32.08
CA GLU B 144 -6.62 5.55 32.19
C GLU B 144 -5.71 4.56 31.47
N GLU B 145 -6.09 3.30 31.42
CA GLU B 145 -5.28 2.30 30.74
C GLU B 145 -5.35 2.48 29.23
N VAL B 146 -6.51 2.88 28.73
CA VAL B 146 -6.69 3.14 27.30
C VAL B 146 -5.83 4.34 26.89
N LEU B 147 -5.99 5.44 27.60
CA LEU B 147 -5.25 6.67 27.33
C LEU B 147 -3.74 6.46 27.43
N GLU B 148 -3.35 5.43 28.15
CA GLU B 148 -1.95 5.11 28.32
C GLU B 148 -1.41 4.55 27.01
N LYS B 149 -2.24 3.77 26.33
CA LYS B 149 -1.88 3.16 25.05
C LYS B 149 -2.17 4.10 23.87
N GLU B 150 -3.31 4.79 23.93
CA GLU B 150 -3.72 5.72 22.89
C GLU B 150 -4.13 7.04 23.56
N PRO B 151 -3.13 7.89 23.89
CA PRO B 151 -3.29 9.18 24.55
C PRO B 151 -4.27 10.16 23.92
N TYR B 152 -4.51 10.02 22.61
CA TYR B 152 -5.41 10.95 21.93
C TYR B 152 -6.86 10.50 21.78
N ALA B 153 -7.16 9.32 22.29
CA ALA B 153 -8.54 8.84 22.23
C ALA B 153 -9.34 9.80 23.13
N SER B 154 -10.62 9.98 22.83
CA SER B 154 -11.44 10.89 23.63
C SER B 154 -11.28 10.68 25.14
N GLY B 155 -11.33 11.77 25.88
CA GLY B 155 -11.20 11.69 27.32
C GLY B 155 -12.54 11.44 28.00
N ASP B 156 -13.60 11.37 27.19
CA ASP B 156 -14.94 11.14 27.70
C ASP B 156 -15.27 9.66 27.86
N ILE B 157 -14.32 8.79 27.53
CA ILE B 157 -14.57 7.36 27.63
C ILE B 157 -14.58 6.82 29.06
N PHE B 158 -15.37 5.76 29.26
CA PHE B 158 -15.49 5.08 30.55
C PHE B 158 -14.45 3.97 30.55
N GLY B 159 -13.83 3.78 29.39
CA GLY B 159 -12.83 2.74 29.22
C GLY B 159 -13.09 2.08 27.87
N ALA B 160 -12.57 0.87 27.68
CA ALA B 160 -12.76 0.18 26.42
C ALA B 160 -12.41 -1.29 26.51
N SER B 161 -12.99 -2.08 25.62
CA SER B 161 -12.71 -3.49 25.55
C SER B 161 -11.62 -3.67 24.49
N PHE B 162 -10.50 -4.26 24.86
CA PHE B 162 -9.41 -4.48 23.90
C PHE B 162 -9.52 -5.84 23.26
N ILE B 163 -9.72 -5.86 21.95
CA ILE B 163 -9.81 -7.11 21.20
C ILE B 163 -8.57 -7.23 20.33
N GLN B 164 -7.61 -7.97 20.84
CA GLN B 164 -6.33 -8.20 20.19
C GLN B 164 -6.40 -8.79 18.78
N ASP B 165 -7.31 -9.74 18.60
CA ASP B 165 -7.44 -10.41 17.32
C ASP B 165 -8.28 -9.71 16.25
N ASP B 166 -9.13 -8.77 16.64
CA ASP B 166 -9.93 -8.06 15.66
C ASP B 166 -9.06 -7.03 14.94
N VAL B 167 -8.17 -7.54 14.10
CA VAL B 167 -7.23 -6.73 13.33
C VAL B 167 -7.87 -6.32 11.99
N HIS B 168 -7.07 -5.76 11.09
CA HIS B 168 -7.62 -5.35 9.81
C HIS B 168 -6.69 -5.55 8.61
N VAL B 169 -7.30 -5.65 7.44
CA VAL B 169 -6.61 -5.84 6.17
C VAL B 169 -7.29 -4.89 5.17
N GLU B 170 -6.65 -4.63 4.03
CA GLU B 170 -7.26 -3.78 3.02
C GLU B 170 -7.98 -4.76 2.10
N PRO B 171 -9.32 -4.77 2.15
CA PRO B 171 -10.22 -5.63 1.38
C PRO B 171 -9.96 -5.75 -0.11
N TYR B 172 -9.78 -4.61 -0.79
CA TYR B 172 -9.53 -4.64 -2.22
C TYR B 172 -8.37 -5.56 -2.55
N PHE B 173 -7.31 -5.49 -1.75
CA PHE B 173 -6.14 -6.32 -2.01
C PHE B 173 -6.26 -7.76 -1.55
N VAL B 174 -7.19 -8.04 -0.63
CA VAL B 174 -7.39 -9.42 -0.21
C VAL B 174 -8.08 -10.06 -1.40
N CYS B 175 -9.02 -9.32 -1.99
CA CYS B 175 -9.76 -9.78 -3.15
C CYS B 175 -8.82 -10.00 -4.34
N LYS B 176 -7.98 -9.01 -4.65
CA LYS B 176 -7.03 -9.12 -5.76
C LYS B 176 -6.06 -10.29 -5.55
N ALA B 177 -5.65 -10.50 -4.30
CA ALA B 177 -4.73 -11.59 -3.99
C ALA B 177 -5.39 -12.95 -4.24
N TYR B 178 -6.65 -13.07 -3.83
CA TYR B 178 -7.39 -14.32 -4.04
C TYR B 178 -7.53 -14.63 -5.53
N VAL B 179 -7.91 -13.61 -6.30
CA VAL B 179 -8.10 -13.75 -7.74
C VAL B 179 -6.81 -14.12 -8.46
N LYS B 180 -5.75 -13.35 -8.25
CA LYS B 180 -4.46 -13.63 -8.88
C LYS B 180 -4.04 -15.06 -8.56
N ALA B 181 -4.11 -15.44 -7.28
CA ALA B 181 -3.75 -16.78 -6.84
C ALA B 181 -4.61 -17.81 -7.56
N ALA B 182 -5.90 -17.56 -7.64
CA ALA B 182 -6.83 -18.47 -8.30
C ALA B 182 -6.49 -18.62 -9.79
N LYS B 183 -6.02 -17.54 -10.41
CA LYS B 183 -5.64 -17.56 -11.83
C LYS B 183 -4.39 -18.41 -12.01
N MET B 184 -3.43 -18.27 -11.10
CA MET B 184 -2.20 -19.02 -11.15
C MET B 184 -2.47 -20.51 -10.94
N LEU B 185 -3.62 -20.83 -10.37
CA LEU B 185 -4.00 -22.23 -10.12
C LEU B 185 -4.89 -22.74 -11.24
N GLY B 186 -5.12 -21.91 -12.24
CA GLY B 186 -5.94 -22.33 -13.36
C GLY B 186 -7.34 -21.77 -13.48
N ALA B 187 -7.82 -21.06 -12.46
CA ALA B 187 -9.17 -20.50 -12.54
C ALA B 187 -9.24 -19.49 -13.68
N GLU B 188 -10.35 -19.49 -14.41
CA GLU B 188 -10.53 -18.55 -15.50
C GLU B 188 -11.47 -17.45 -15.04
N ILE B 189 -10.97 -16.22 -15.02
CA ILE B 189 -11.72 -15.06 -14.57
C ILE B 189 -12.16 -14.13 -15.70
N PHE B 190 -13.44 -13.76 -15.70
CA PHE B 190 -13.98 -12.90 -16.74
C PHE B 190 -14.65 -11.64 -16.21
N GLU B 191 -13.94 -10.53 -16.28
CA GLU B 191 -14.49 -9.25 -15.83
C GLU B 191 -15.34 -8.70 -16.96
N HIS B 192 -16.12 -7.66 -16.67
CA HIS B 192 -16.96 -7.04 -17.69
C HIS B 192 -17.86 -8.07 -18.35
N THR B 193 -18.15 -9.14 -17.61
CA THR B 193 -19.00 -10.22 -18.11
C THR B 193 -20.13 -10.51 -17.10
N PRO B 194 -21.23 -9.76 -17.22
CA PRO B 194 -22.37 -9.96 -16.32
C PRO B 194 -23.12 -11.23 -16.68
N VAL B 195 -23.69 -11.91 -15.69
CA VAL B 195 -24.47 -13.11 -15.98
C VAL B 195 -25.91 -12.66 -16.05
N LEU B 196 -26.59 -13.01 -17.12
CA LEU B 196 -27.97 -12.60 -17.31
C LEU B 196 -29.00 -13.59 -16.77
N HIS B 197 -28.70 -14.88 -16.88
CA HIS B 197 -29.65 -15.87 -16.44
C HIS B 197 -29.02 -17.23 -16.15
N VAL B 198 -29.64 -17.98 -15.25
CA VAL B 198 -29.17 -19.31 -14.89
C VAL B 198 -30.30 -20.30 -15.13
N GLU B 199 -30.09 -21.22 -16.06
CA GLU B 199 -31.09 -22.23 -16.40
C GLU B 199 -30.72 -23.57 -15.79
N ARG B 200 -31.49 -24.04 -14.82
CA ARG B 200 -31.20 -25.31 -14.18
C ARG B 200 -31.82 -26.46 -14.97
N ASP B 201 -32.25 -26.16 -16.18
CA ASP B 201 -32.84 -27.17 -17.06
C ASP B 201 -31.71 -28.03 -17.61
N GLY B 202 -32.05 -29.24 -18.05
CA GLY B 202 -31.04 -30.14 -18.58
C GLY B 202 -30.35 -30.88 -17.45
N GLU B 203 -29.26 -31.57 -17.76
CA GLU B 203 -28.53 -32.32 -16.76
C GLU B 203 -27.39 -31.47 -16.19
N ALA B 204 -27.09 -30.38 -16.87
CA ALA B 204 -26.04 -29.46 -16.44
C ALA B 204 -26.60 -28.05 -16.46
N LEU B 205 -26.11 -27.20 -15.57
CA LEU B 205 -26.56 -25.82 -15.49
C LEU B 205 -26.14 -25.06 -16.75
N PHE B 206 -26.91 -24.05 -17.10
CA PHE B 206 -26.64 -23.25 -18.29
C PHE B 206 -26.73 -21.77 -17.92
N ILE B 207 -25.60 -21.07 -17.98
CA ILE B 207 -25.59 -19.64 -17.65
C ILE B 207 -25.40 -18.81 -18.91
N LYS B 208 -26.17 -17.73 -19.03
CA LYS B 208 -26.09 -16.86 -20.20
C LYS B 208 -25.46 -15.50 -19.88
N THR B 209 -24.50 -15.09 -20.70
CA THR B 209 -23.82 -13.80 -20.53
C THR B 209 -23.79 -13.09 -21.89
N PRO B 210 -23.67 -11.76 -21.89
CA PRO B 210 -23.65 -11.03 -23.17
C PRO B 210 -22.46 -11.41 -24.05
N SER B 211 -21.49 -12.11 -23.48
CA SER B 211 -20.30 -12.52 -24.23
C SER B 211 -20.30 -14.01 -24.54
N GLY B 212 -21.44 -14.66 -24.35
CA GLY B 212 -21.53 -16.08 -24.63
C GLY B 212 -22.14 -16.87 -23.49
N ASP B 213 -22.60 -18.08 -23.81
CA ASP B 213 -23.24 -18.95 -22.83
C ASP B 213 -22.29 -20.07 -22.43
N VAL B 214 -22.43 -20.56 -21.19
CA VAL B 214 -21.55 -21.62 -20.72
C VAL B 214 -22.30 -22.67 -19.90
N TRP B 215 -21.77 -23.89 -19.90
CA TRP B 215 -22.34 -24.99 -19.14
C TRP B 215 -21.45 -25.27 -17.93
N ALA B 216 -22.05 -25.79 -16.87
CA ALA B 216 -21.31 -26.10 -15.66
C ALA B 216 -22.06 -27.12 -14.82
N ASN B 217 -21.33 -27.84 -13.99
CA ASN B 217 -21.92 -28.85 -13.13
C ASN B 217 -22.33 -28.20 -11.81
N HIS B 218 -21.72 -27.06 -11.50
CA HIS B 218 -22.02 -26.33 -10.27
C HIS B 218 -22.04 -24.83 -10.51
N VAL B 219 -23.01 -24.15 -9.91
CA VAL B 219 -23.14 -22.70 -10.02
C VAL B 219 -23.24 -22.09 -8.62
N VAL B 220 -22.36 -21.14 -8.33
CA VAL B 220 -22.35 -20.47 -7.04
C VAL B 220 -22.75 -19.01 -7.23
N VAL B 221 -23.76 -18.57 -6.50
CA VAL B 221 -24.21 -17.19 -6.60
C VAL B 221 -23.55 -16.37 -5.50
N ALA B 222 -22.63 -15.49 -5.90
CA ALA B 222 -21.91 -14.62 -4.98
C ALA B 222 -21.92 -13.22 -5.58
N SER B 223 -23.12 -12.71 -5.83
CA SER B 223 -23.26 -11.39 -6.41
C SER B 223 -23.63 -10.32 -5.41
N GLY B 224 -23.27 -10.54 -4.15
CA GLY B 224 -23.55 -9.56 -3.13
C GLY B 224 -25.00 -9.12 -3.03
N VAL B 225 -25.21 -7.83 -2.79
CA VAL B 225 -26.55 -7.30 -2.64
C VAL B 225 -27.39 -7.46 -3.91
N TRP B 226 -26.75 -7.79 -5.03
CA TRP B 226 -27.47 -7.97 -6.28
C TRP B 226 -27.90 -9.42 -6.51
N SER B 227 -27.59 -10.30 -5.56
CA SER B 227 -27.92 -11.72 -5.68
C SER B 227 -29.41 -12.06 -5.74
N GLY B 228 -30.24 -11.10 -5.35
CA GLY B 228 -31.68 -11.34 -5.36
C GLY B 228 -32.23 -11.77 -6.70
N MET B 229 -31.68 -11.21 -7.78
CA MET B 229 -32.11 -11.54 -9.13
C MET B 229 -32.05 -13.05 -9.36
N PHE B 230 -30.92 -13.66 -8.98
CA PHE B 230 -30.72 -15.09 -9.15
C PHE B 230 -31.57 -15.97 -8.24
N PHE B 231 -31.86 -15.49 -7.03
CA PHE B 231 -32.69 -16.25 -6.13
C PHE B 231 -34.06 -16.40 -6.77
N LYS B 232 -34.63 -15.28 -7.20
CA LYS B 232 -35.94 -15.30 -7.84
C LYS B 232 -35.91 -16.21 -9.06
N GLN B 233 -34.94 -16.01 -9.94
CA GLN B 233 -34.80 -16.82 -11.15
C GLN B 233 -34.85 -18.31 -10.84
N LEU B 234 -34.31 -18.69 -9.69
CA LEU B 234 -34.29 -20.10 -9.29
C LEU B 234 -35.44 -20.46 -8.35
N GLY B 235 -36.53 -19.71 -8.43
CA GLY B 235 -37.69 -19.98 -7.60
C GLY B 235 -37.52 -19.87 -6.09
N LEU B 236 -36.88 -18.79 -5.64
CA LEU B 236 -36.67 -18.54 -4.22
C LEU B 236 -37.00 -17.08 -3.93
N ASN B 237 -37.60 -16.80 -2.77
CA ASN B 237 -37.99 -15.44 -2.42
C ASN B 237 -36.98 -14.63 -1.63
N ASN B 238 -35.87 -15.26 -1.24
CA ASN B 238 -34.83 -14.57 -0.47
C ASN B 238 -34.57 -13.17 -1.03
N ALA B 239 -34.85 -12.17 -0.21
CA ALA B 239 -34.67 -10.79 -0.63
C ALA B 239 -33.46 -10.12 0.00
N PHE B 240 -32.90 -9.16 -0.72
CA PHE B 240 -31.74 -8.41 -0.26
C PHE B 240 -32.08 -6.93 -0.26
N LEU B 241 -31.73 -6.25 0.82
CA LEU B 241 -31.97 -4.82 0.95
C LEU B 241 -30.63 -4.16 1.17
N PRO B 242 -30.30 -3.14 0.37
CA PRO B 242 -29.01 -2.47 0.55
C PRO B 242 -29.04 -1.51 1.72
N VAL B 243 -27.93 -1.47 2.47
CA VAL B 243 -27.80 -0.52 3.57
C VAL B 243 -26.52 0.23 3.25
N LYS B 244 -26.68 1.38 2.62
CA LYS B 244 -25.56 2.22 2.21
C LYS B 244 -24.74 2.73 3.38
N GLY B 245 -23.42 2.75 3.17
CA GLY B 245 -22.51 3.23 4.18
C GLY B 245 -21.50 4.13 3.51
N GLU B 246 -21.31 5.34 4.04
CA GLU B 246 -20.34 6.24 3.43
C GLU B 246 -19.19 6.47 4.41
N CYS B 247 -18.00 6.68 3.86
CA CYS B 247 -16.80 6.86 4.65
C CYS B 247 -15.84 7.86 4.02
N LEU B 248 -14.75 8.10 4.74
CA LEU B 248 -13.73 9.02 4.28
C LEU B 248 -12.42 8.56 4.85
N SER B 249 -11.36 9.20 4.41
CA SER B 249 -10.05 8.90 4.91
C SER B 249 -9.35 10.23 5.06
N VAL B 250 -8.42 10.29 6.01
CA VAL B 250 -7.64 11.49 6.26
C VAL B 250 -6.21 11.01 6.42
N TRP B 251 -5.27 11.95 6.39
CA TRP B 251 -3.88 11.60 6.58
C TRP B 251 -3.51 11.88 8.03
N ASN B 252 -2.97 10.88 8.71
CA ASN B 252 -2.55 11.07 10.10
C ASN B 252 -1.03 11.18 10.10
N ASP B 253 -0.53 12.41 10.03
CA ASP B 253 0.91 12.64 10.02
C ASP B 253 1.39 13.22 11.33
N ASP B 254 0.48 13.40 12.28
CA ASP B 254 0.85 14.02 13.54
C ASP B 254 0.78 13.28 14.86
N ILE B 255 -0.10 12.30 14.98
CA ILE B 255 -0.20 11.59 16.24
C ILE B 255 -0.07 10.09 16.11
N PRO B 256 0.26 9.42 17.23
CA PRO B 256 0.38 7.96 17.23
C PRO B 256 -1.01 7.36 17.31
N LEU B 257 -1.23 6.29 16.55
CA LEU B 257 -2.49 5.59 16.58
C LEU B 257 -2.21 4.21 16.00
N THR B 258 -2.18 3.22 16.88
CA THR B 258 -1.90 1.86 16.47
C THR B 258 -3.14 1.01 16.50
N LYS B 259 -4.01 1.25 17.47
CA LYS B 259 -5.21 0.45 17.57
C LYS B 259 -6.40 1.10 16.90
N THR B 260 -7.28 0.25 16.39
CA THR B 260 -8.49 0.69 15.76
C THR B 260 -9.42 1.19 16.87
N LEU B 261 -10.12 2.29 16.63
CA LEU B 261 -11.06 2.85 17.59
C LEU B 261 -12.43 2.51 17.04
N TYR B 262 -13.23 1.85 17.87
CA TYR B 262 -14.56 1.43 17.46
C TYR B 262 -15.62 1.83 18.49
N HIS B 263 -16.77 2.29 18.00
CA HIS B 263 -17.88 2.67 18.86
C HIS B 263 -19.17 2.75 18.07
N ASP B 264 -20.19 2.04 18.54
CA ASP B 264 -21.50 2.05 17.90
C ASP B 264 -21.40 1.86 16.38
N HIS B 265 -20.75 0.78 15.97
CA HIS B 265 -20.58 0.45 14.56
C HIS B 265 -19.76 1.43 13.73
N CYS B 266 -19.21 2.46 14.39
CA CYS B 266 -18.40 3.44 13.70
C CYS B 266 -16.94 3.17 14.07
N TYR B 267 -16.03 3.59 13.21
CA TYR B 267 -14.62 3.29 13.43
C TYR B 267 -13.62 4.26 12.84
N ILE B 268 -12.40 4.12 13.31
CA ILE B 268 -11.26 4.89 12.85
C ILE B 268 -10.17 3.83 12.83
N VAL B 269 -9.84 3.32 11.64
CA VAL B 269 -8.81 2.30 11.54
C VAL B 269 -7.55 2.86 10.89
N PRO B 270 -6.40 2.74 11.57
CA PRO B 270 -5.12 3.23 11.08
C PRO B 270 -4.47 2.29 10.06
N ARG B 271 -4.32 2.75 8.83
CA ARG B 271 -3.71 1.95 7.78
C ARG B 271 -2.20 2.10 7.84
N LYS B 272 -1.50 1.12 7.30
CA LYS B 272 -0.04 1.12 7.29
C LYS B 272 0.57 2.17 6.35
N SER B 273 -0.29 2.92 5.68
CA SER B 273 0.15 3.97 4.77
C SER B 273 0.19 5.34 5.44
N GLY B 274 -0.39 5.42 6.64
CA GLY B 274 -0.44 6.69 7.34
C GLY B 274 -1.85 7.28 7.29
N ARG B 275 -2.73 6.65 6.52
CA ARG B 275 -4.11 7.13 6.41
C ARG B 275 -4.97 6.55 7.53
N LEU B 276 -6.09 7.20 7.79
CA LEU B 276 -7.05 6.70 8.76
C LEU B 276 -8.31 6.51 7.95
N VAL B 277 -8.89 5.31 8.02
CA VAL B 277 -10.13 5.05 7.32
C VAL B 277 -11.20 5.29 8.37
N VAL B 278 -12.05 6.25 8.07
CA VAL B 278 -13.06 6.62 9.02
C VAL B 278 -14.43 6.38 8.54
N GLY B 279 -15.23 5.84 9.44
CA GLY B 279 -16.56 5.66 9.03
C GLY B 279 -17.79 5.10 9.68
N ALA B 280 -18.61 5.06 8.66
CA ALA B 280 -19.92 4.60 8.41
C ALA B 280 -21.23 5.06 8.93
N THR B 281 -22.03 5.46 7.93
CA THR B 281 -23.42 5.83 8.03
C THR B 281 -24.18 4.55 7.70
N MET B 282 -25.47 4.56 8.00
CA MET B 282 -26.36 3.42 7.71
C MET B 282 -27.58 3.99 6.99
N LYS B 283 -27.67 3.78 5.68
CA LYS B 283 -28.80 4.27 4.88
C LYS B 283 -29.56 3.11 4.26
N PRO B 284 -30.55 2.56 4.98
CA PRO B 284 -31.32 1.44 4.45
C PRO B 284 -32.13 1.79 3.20
N GLY B 285 -32.09 0.90 2.22
CA GLY B 285 -32.84 1.13 0.99
C GLY B 285 -32.17 2.03 -0.03
N ASP B 286 -31.04 2.62 0.32
CA ASP B 286 -30.32 3.52 -0.59
C ASP B 286 -29.39 2.72 -1.50
N TRP B 287 -29.64 2.75 -2.81
CA TRP B 287 -28.81 2.03 -3.78
C TRP B 287 -27.66 2.85 -4.39
N SER B 288 -27.58 4.15 -4.06
CA SER B 288 -26.54 5.00 -4.63
C SER B 288 -25.18 4.66 -4.01
N GLU B 289 -24.11 4.72 -4.80
CA GLU B 289 -22.78 4.39 -4.30
C GLU B 289 -21.78 5.52 -4.10
N THR B 290 -22.27 6.76 -4.10
CA THR B 290 -21.41 7.90 -3.84
C THR B 290 -21.98 8.63 -2.61
N PRO B 291 -21.12 9.11 -1.73
CA PRO B 291 -21.52 9.83 -0.50
C PRO B 291 -22.24 11.15 -0.71
N ASP B 292 -23.27 11.39 0.11
CA ASP B 292 -24.02 12.64 0.06
C ASP B 292 -23.43 13.54 1.16
N LEU B 293 -23.63 14.84 1.05
CA LEU B 293 -23.06 15.78 2.03
C LEU B 293 -23.44 15.55 3.50
N GLY B 294 -24.72 15.29 3.76
CA GLY B 294 -25.15 15.05 5.12
C GLY B 294 -24.51 13.83 5.76
N GLY B 295 -24.31 12.79 4.95
CA GLY B 295 -23.68 11.57 5.44
C GLY B 295 -22.24 11.82 5.82
N LEU B 296 -21.50 12.52 4.96
CA LEU B 296 -20.10 12.80 5.25
C LEU B 296 -19.97 13.69 6.48
N GLU B 297 -20.86 14.66 6.63
CA GLU B 297 -20.80 15.54 7.80
C GLU B 297 -21.03 14.73 9.07
N SER B 298 -21.93 13.76 8.97
CA SER B 298 -22.28 12.90 10.09
C SER B 298 -21.08 12.05 10.52
N VAL B 299 -20.34 11.54 9.54
CA VAL B 299 -19.17 10.72 9.81
C VAL B 299 -18.06 11.55 10.45
N MET B 300 -17.87 12.76 9.95
CA MET B 300 -16.84 13.63 10.49
C MET B 300 -17.17 13.96 11.96
N LYS B 301 -18.42 14.34 12.20
CA LYS B 301 -18.86 14.68 13.54
C LYS B 301 -18.60 13.53 14.50
N LYS B 302 -19.02 12.33 14.10
CA LYS B 302 -18.84 11.14 14.91
C LYS B 302 -17.37 10.86 15.19
N ALA B 303 -16.54 10.86 14.14
CA ALA B 303 -15.12 10.60 14.30
C ALA B 303 -14.48 11.53 15.35
N LYS B 304 -14.85 12.81 15.31
CA LYS B 304 -14.30 13.79 16.25
C LYS B 304 -14.55 13.46 17.73
N THR B 305 -15.69 12.85 18.04
CA THR B 305 -15.99 12.51 19.43
C THR B 305 -15.10 11.36 19.91
N MET B 306 -14.64 10.55 18.96
CA MET B 306 -13.79 9.40 19.27
C MET B 306 -12.30 9.75 19.27
N LEU B 307 -11.89 10.59 18.31
CA LEU B 307 -10.49 10.98 18.18
C LEU B 307 -10.48 12.48 17.85
N PRO B 308 -10.59 13.32 18.89
CA PRO B 308 -10.62 14.78 18.74
C PRO B 308 -9.63 15.41 17.76
N PRO B 309 -8.37 14.98 17.77
CA PRO B 309 -7.40 15.56 16.84
C PRO B 309 -7.68 15.32 15.36
N ILE B 310 -8.53 14.35 15.04
CA ILE B 310 -8.83 14.08 13.64
C ILE B 310 -9.39 15.31 12.93
N GLN B 311 -9.93 16.26 13.69
CA GLN B 311 -10.49 17.44 13.05
C GLN B 311 -9.42 18.30 12.38
N ASN B 312 -8.17 18.12 12.77
CA ASN B 312 -7.07 18.88 12.19
C ASN B 312 -6.33 18.13 11.09
N MET B 313 -6.82 16.93 10.75
CA MET B 313 -6.18 16.12 9.71
C MET B 313 -6.72 16.41 8.32
N LYS B 314 -5.84 16.43 7.34
CA LYS B 314 -6.22 16.69 5.96
C LYS B 314 -7.03 15.54 5.40
N VAL B 315 -8.09 15.88 4.66
CA VAL B 315 -8.95 14.86 4.07
C VAL B 315 -8.32 14.33 2.79
N ASP B 316 -8.45 13.02 2.61
CA ASP B 316 -7.89 12.33 1.46
C ASP B 316 -9.00 11.97 0.47
N ARG B 317 -9.80 10.97 0.79
CA ARG B 317 -10.89 10.54 -0.09
C ARG B 317 -12.20 10.27 0.66
N PHE B 318 -13.28 10.12 -0.11
CA PHE B 318 -14.59 9.83 0.45
C PHE B 318 -15.24 8.86 -0.52
N TRP B 319 -16.00 7.91 0.02
CA TRP B 319 -16.63 6.90 -0.81
C TRP B 319 -17.81 6.25 -0.11
N ALA B 320 -18.42 5.28 -0.77
CA ALA B 320 -19.55 4.58 -0.18
C ALA B 320 -19.69 3.18 -0.77
N GLY B 321 -20.47 2.34 -0.10
CA GLY B 321 -20.69 0.98 -0.54
C GLY B 321 -22.05 0.53 -0.05
N LEU B 322 -22.58 -0.54 -0.63
CA LEU B 322 -23.89 -1.07 -0.25
C LEU B 322 -23.75 -2.39 0.50
N ARG B 323 -24.09 -2.40 1.79
CA ARG B 323 -24.01 -3.63 2.56
C ARG B 323 -25.18 -4.53 2.14
N PRO B 324 -24.91 -5.84 1.94
CA PRO B 324 -25.92 -6.83 1.54
C PRO B 324 -26.80 -7.23 2.72
N GLY B 325 -27.88 -6.49 2.95
CA GLY B 325 -28.74 -6.80 4.08
C GLY B 325 -29.83 -7.82 3.80
N THR B 326 -29.93 -8.81 4.68
CA THR B 326 -30.95 -9.84 4.55
C THR B 326 -31.98 -9.65 5.66
N LYS B 327 -33.08 -10.39 5.58
CA LYS B 327 -34.15 -10.28 6.57
C LYS B 327 -33.73 -10.46 8.03
N ASP B 328 -32.81 -11.40 8.28
CA ASP B 328 -32.37 -11.62 9.65
C ASP B 328 -30.93 -11.16 9.90
N GLY B 329 -30.39 -10.39 8.95
CA GLY B 329 -29.03 -9.89 9.10
C GLY B 329 -27.95 -10.95 8.93
N LYS B 330 -28.35 -12.16 8.60
CA LYS B 330 -27.37 -13.24 8.41
C LYS B 330 -27.25 -13.57 6.93
N PRO B 331 -26.08 -14.06 6.51
CA PRO B 331 -25.88 -14.41 5.10
C PRO B 331 -26.48 -15.76 4.74
N TYR B 332 -26.63 -15.99 3.43
CA TYR B 332 -27.13 -17.26 2.93
C TYR B 332 -25.90 -17.96 2.37
N ILE B 333 -25.49 -19.04 3.00
CA ILE B 333 -24.33 -19.81 2.55
C ILE B 333 -24.73 -21.28 2.54
N GLY B 334 -25.05 -21.78 1.36
CA GLY B 334 -25.43 -23.18 1.25
C GLY B 334 -25.98 -23.56 -0.10
N ARG B 335 -26.62 -24.73 -0.16
CA ARG B 335 -27.18 -25.24 -1.39
C ARG B 335 -28.60 -24.76 -1.61
N HIS B 336 -29.06 -24.88 -2.85
CA HIS B 336 -30.42 -24.54 -3.21
C HIS B 336 -31.21 -25.70 -2.60
N PRO B 337 -32.34 -25.41 -1.95
CA PRO B 337 -33.12 -26.51 -1.35
C PRO B 337 -33.39 -27.68 -2.30
N GLU B 338 -33.92 -27.37 -3.49
CA GLU B 338 -34.25 -28.39 -4.47
C GLU B 338 -33.19 -28.71 -5.53
N ASP B 339 -31.96 -28.24 -5.37
CA ASP B 339 -30.93 -28.52 -6.38
C ASP B 339 -29.53 -28.32 -5.82
N SER B 340 -28.91 -29.41 -5.41
CA SER B 340 -27.57 -29.38 -4.84
C SER B 340 -26.45 -28.92 -5.78
N ARG B 341 -26.79 -28.60 -7.02
CA ARG B 341 -25.80 -28.15 -7.98
C ARG B 341 -25.68 -26.63 -7.89
N ILE B 342 -26.68 -26.01 -7.27
CA ILE B 342 -26.75 -24.56 -7.11
C ILE B 342 -26.49 -24.11 -5.68
N LEU B 343 -25.44 -23.32 -5.49
CA LEU B 343 -25.10 -22.82 -4.16
C LEU B 343 -25.21 -21.30 -4.12
N PHE B 344 -25.27 -20.78 -2.89
CA PHE B 344 -25.38 -19.35 -2.66
C PHE B 344 -24.44 -18.92 -1.54
N ALA B 345 -23.89 -17.72 -1.67
CA ALA B 345 -22.99 -17.15 -0.67
C ALA B 345 -23.16 -15.64 -0.76
N ALA B 346 -24.25 -15.14 -0.17
CA ALA B 346 -24.56 -13.72 -0.22
C ALA B 346 -25.33 -13.23 1.00
N GLY B 347 -25.08 -12.00 1.41
CA GLY B 347 -25.78 -11.45 2.55
C GLY B 347 -24.90 -11.20 3.76
N HIS B 348 -23.61 -11.00 3.52
CA HIS B 348 -22.67 -10.72 4.60
C HIS B 348 -22.80 -9.22 4.86
N PHE B 349 -23.69 -8.85 5.78
CA PHE B 349 -23.98 -7.46 6.09
C PHE B 349 -22.76 -6.60 6.37
N ARG B 350 -22.06 -6.88 7.45
CA ARG B 350 -20.87 -6.10 7.77
C ARG B 350 -19.71 -6.98 8.18
N ASN B 351 -19.75 -8.25 7.77
CA ASN B 351 -18.70 -9.21 8.10
C ASN B 351 -18.12 -9.95 6.89
N GLY B 352 -18.39 -9.41 5.70
CA GLY B 352 -17.92 -10.03 4.48
C GLY B 352 -16.42 -10.21 4.33
N ILE B 353 -15.63 -9.25 4.78
CA ILE B 353 -14.18 -9.38 4.67
C ILE B 353 -13.75 -10.47 5.64
N LEU B 354 -14.27 -10.38 6.86
CA LEU B 354 -13.96 -11.35 7.92
C LEU B 354 -14.31 -12.78 7.50
N LEU B 355 -15.52 -12.97 6.99
CA LEU B 355 -16.01 -14.29 6.62
C LEU B 355 -15.62 -14.85 5.25
N ALA B 356 -14.86 -14.10 4.46
CA ALA B 356 -14.48 -14.58 3.13
C ALA B 356 -13.84 -15.98 3.15
N PRO B 357 -12.77 -16.17 3.94
CA PRO B 357 -12.10 -17.47 4.01
C PRO B 357 -13.02 -18.63 4.37
N ALA B 358 -13.73 -18.49 5.50
CA ALA B 358 -14.64 -19.54 5.94
C ALA B 358 -15.76 -19.76 4.94
N THR B 359 -16.26 -18.67 4.37
CA THR B 359 -17.35 -18.80 3.39
C THR B 359 -16.83 -19.54 2.16
N GLY B 360 -15.64 -19.14 1.69
CA GLY B 360 -15.05 -19.79 0.54
C GLY B 360 -14.77 -21.26 0.78
N ALA B 361 -14.31 -21.58 1.98
CA ALA B 361 -13.99 -22.96 2.34
C ALA B 361 -15.26 -23.83 2.44
N LEU B 362 -16.31 -23.28 3.04
CA LEU B 362 -17.57 -24.01 3.21
C LEU B 362 -18.24 -24.33 1.88
N ILE B 363 -18.26 -23.36 0.96
CA ILE B 363 -18.88 -23.54 -0.35
C ILE B 363 -18.08 -24.56 -1.14
N SER B 364 -16.75 -24.48 -1.01
CA SER B 364 -15.86 -25.40 -1.70
C SER B 364 -16.06 -26.82 -1.18
N ASP B 365 -16.24 -26.97 0.13
CA ASP B 365 -16.45 -28.28 0.71
C ASP B 365 -17.81 -28.86 0.32
N LEU B 366 -18.81 -27.99 0.19
CA LEU B 366 -20.14 -28.47 -0.20
C LEU B 366 -20.11 -29.00 -1.64
N ILE B 367 -19.37 -28.32 -2.51
CA ILE B 367 -19.25 -28.75 -3.89
C ILE B 367 -18.43 -30.02 -3.98
N MET B 368 -17.38 -30.11 -3.18
CA MET B 368 -16.52 -31.29 -3.17
C MET B 368 -17.21 -32.42 -2.40
N ASN B 369 -18.44 -32.16 -1.96
CA ASN B 369 -19.20 -33.16 -1.21
C ASN B 369 -18.48 -33.69 0.02
N LYS B 370 -17.76 -32.82 0.71
CA LYS B 370 -17.04 -33.20 1.92
C LYS B 370 -17.99 -33.05 3.11
N GLU B 371 -17.52 -33.40 4.30
CA GLU B 371 -18.34 -33.26 5.49
C GLU B 371 -18.10 -31.87 6.05
N VAL B 372 -19.17 -31.22 6.51
CA VAL B 372 -19.04 -29.87 7.05
C VAL B 372 -19.84 -29.71 8.34
N ASN B 373 -19.46 -28.72 9.12
CA ASN B 373 -20.12 -28.43 10.39
C ASN B 373 -21.62 -28.27 10.13
N GLN B 374 -22.41 -29.15 10.73
CA GLN B 374 -23.86 -29.13 10.56
C GLN B 374 -24.53 -27.91 11.17
N ASP B 375 -23.90 -27.33 12.18
CA ASP B 375 -24.47 -26.15 12.84
C ASP B 375 -24.37 -24.93 11.93
N TRP B 376 -23.20 -24.74 11.32
CA TRP B 376 -23.00 -23.62 10.42
C TRP B 376 -23.88 -23.80 9.19
N LEU B 377 -23.94 -25.03 8.70
CA LEU B 377 -24.73 -25.33 7.52
C LEU B 377 -26.21 -25.01 7.77
N HIS B 378 -26.69 -25.32 8.97
CA HIS B 378 -28.08 -25.05 9.29
C HIS B 378 -28.28 -23.57 9.60
N ALA B 379 -27.25 -22.95 10.19
CA ALA B 379 -27.32 -21.55 10.54
C ALA B 379 -27.52 -20.65 9.31
N PHE B 380 -26.81 -20.96 8.23
CA PHE B 380 -26.87 -20.15 7.01
C PHE B 380 -27.71 -20.74 5.87
N ARG B 381 -28.49 -21.78 6.14
CA ARG B 381 -29.31 -22.42 5.12
C ARG B 381 -30.15 -21.39 4.36
N ILE B 382 -30.50 -21.71 3.12
CA ILE B 382 -31.27 -20.80 2.27
C ILE B 382 -32.77 -20.71 2.61
N ASP B 383 -33.34 -21.78 3.13
CA ASP B 383 -34.77 -21.76 3.47
C ASP B 383 -35.04 -21.49 4.95
N ARG B 384 -34.44 -20.44 5.49
CA ARG B 384 -34.64 -20.08 6.89
C ARG B 384 -36.04 -19.51 7.10
N LYS B 385 -36.67 -19.87 8.23
CA LYS B 385 -38.02 -19.42 8.58
C LYS B 385 -38.56 -18.30 7.71
PA FAD C . 13.10 16.27 -3.49
O1A FAD C . 12.89 16.81 -4.91
O2A FAD C . 12.36 14.99 -3.29
O5B FAD C . 12.65 17.31 -2.45
C5B FAD C . 13.35 18.52 -2.17
C4B FAD C . 12.40 19.14 -1.20
O4B FAD C . 12.82 20.44 -0.70
C3B FAD C . 10.95 19.32 -1.77
O3B FAD C . 10.00 18.73 -0.92
C2B FAD C . 10.84 20.78 -1.94
O2B FAD C . 9.59 21.36 -1.92
C1B FAD C . 11.72 21.35 -0.83
N9A FAD C . 12.21 22.69 -1.02
C8A FAD C . 12.72 23.36 -2.16
N7A FAD C . 13.05 24.62 -1.94
C5A FAD C . 12.75 24.83 -0.58
C6A FAD C . 12.85 25.95 0.28
N6A FAD C . 13.32 27.14 -0.11
N1A FAD C . 12.44 25.80 1.60
C2A FAD C . 11.95 24.62 2.04
N3A FAD C . 11.82 23.46 1.25
C4A FAD C . 12.26 23.72 -0.07
N1 FAD C . 16.35 7.31 -7.11
C2 FAD C . 16.64 6.04 -6.65
O2 FAD C . 17.48 5.85 -5.75
N3 FAD C . 15.97 4.96 -7.21
C4 FAD C . 15.01 5.02 -8.24
O4 FAD C . 14.45 3.94 -8.67
C4X FAD C . 14.75 6.29 -8.69
N5 FAD C . 13.78 6.40 -9.75
C5X FAD C . 13.49 7.71 -10.21
C6 FAD C . 12.56 7.90 -11.26
C7 FAD C . 12.21 9.19 -11.77
C7M FAD C . 11.20 9.28 -12.90
C8 FAD C . 12.83 10.33 -11.19
C8M FAD C . 12.52 11.76 -11.66
C9 FAD C . 13.76 10.20 -10.17
C9A FAD C . 14.12 8.92 -9.66
N10 FAD C . 15.12 8.68 -8.57
C10 FAD C . 15.41 7.41 -8.12
C1' FAD C . 15.73 9.86 -8.04
C2' FAD C . 15.21 10.31 -6.69
O2' FAD C . 13.77 10.55 -6.89
C3' FAD C . 15.79 11.62 -6.20
O3' FAD C . 17.21 11.59 -6.15
C4' FAD C . 15.37 12.05 -4.79
O4' FAD C . 13.91 12.08 -4.76
C5' FAD C . 15.83 13.39 -4.40
O5' FAD C . 15.38 13.70 -3.08
P FAD C . 15.59 15.08 -2.41
O1P FAD C . 15.07 14.93 -1.06
O2P FAD C . 17.01 15.47 -2.65
O3P FAD C . 14.67 16.06 -3.28
O1 PEO D . 15.89 7.64 -12.58
O2 PEO D . 15.12 7.23 -13.50
P PO4 E . -2.18 3.03 -2.31
O1 PO4 E . -2.67 2.77 -0.85
O2 PO4 E . -1.61 4.46 -2.45
O3 PO4 E . -1.26 2.01 -2.80
O4 PO4 E . -3.48 2.98 -3.17
PA FAD F . -19.61 -7.34 -3.36
O1A FAD F . -20.60 -6.19 -3.23
O2A FAD F . -18.25 -6.95 -2.85
O5B FAD F . -19.51 -7.82 -4.82
C5B FAD F . -20.54 -8.56 -5.48
C4B FAD F . -19.98 -8.67 -6.86
O4B FAD F . -20.82 -9.39 -7.81
C3B FAD F . -19.66 -7.30 -7.53
O3B FAD F . -18.31 -7.26 -7.97
C2B FAD F . -20.66 -7.19 -8.60
O2B FAD F . -20.38 -6.43 -9.75
C1B FAD F . -20.94 -8.63 -9.01
N9A FAD F . -22.21 -8.88 -9.62
C8A FAD F . -23.52 -8.44 -9.30
N7A FAD F . -24.44 -8.88 -10.12
C5A FAD F . -23.75 -9.65 -11.07
C6A FAD F . -24.15 -10.40 -12.21
N6A FAD F . -25.41 -10.48 -12.62
N1A FAD F . -23.16 -11.07 -12.94
C2A FAD F . -21.86 -11.01 -12.56
N3A FAD F . -21.38 -10.29 -11.44
C4A FAD F . -22.47 -9.65 -10.77
N1 FAD F . -16.95 -6.27 6.28
C2 FAD F . -15.97 -6.74 7.13
O2 FAD F . -15.77 -7.95 7.30
N3 FAD F . -15.19 -5.81 7.82
C4 FAD F . -15.32 -4.41 7.73
O4 FAD F . -14.54 -3.64 8.40
C4X FAD F . -16.31 -3.97 6.88
N5 FAD F . -16.48 -2.54 6.77
C5X FAD F . -17.50 -2.09 5.88
C6 FAD F . -17.73 -0.71 5.71
C7 FAD F . -18.72 -0.19 4.82
C7M FAD F . -18.90 1.32 4.69
C8 FAD F . -19.50 -1.13 4.06
C8M FAD F . -20.57 -0.71 3.06
C9 FAD F . -19.31 -2.49 4.21
C9A FAD F . -18.34 -3.02 5.10
N10 FAD F . -18.07 -4.47 5.31
C10 FAD F . -17.10 -4.91 6.17
C1' FAD F . -18.90 -5.37 4.56
C2' FAD F . -18.26 -6.02 3.36
O2' FAD F . -17.82 -4.90 2.51
C3' FAD F . -19.16 -6.87 2.51
O3' FAD F . -19.83 -7.88 3.28
C4' FAD F . -18.49 -7.66 1.38
O4' FAD F . -17.77 -6.70 0.56
C5' FAD F . -19.45 -8.37 0.49
O5' FAD F . -18.73 -9.04 -0.55
P FAD F . -19.46 -9.76 -1.72
O1P FAD F . -18.40 -10.36 -2.53
O2P FAD F . -20.55 -10.61 -1.15
O3P FAD F . -20.17 -8.56 -2.50
O1 PEO G . -20.16 -2.05 8.17
O2 PEO G . -19.96 -0.91 8.65
#